data_5C6D
#
_entry.id   5C6D
#
_cell.length_a   135.606
_cell.length_b   62.430
_cell.length_c   98.505
_cell.angle_alpha   90.00
_cell.angle_beta   90.42
_cell.angle_gamma   90.00
#
_symmetry.space_group_name_H-M   'C 1 2 1'
#
loop_
_entity.id
_entity.type
_entity.pdbx_description
1 polymer 'Ubiquitin carboxyl-terminal hydrolase 7'
2 polymer 'E3 ubiquitin-protein ligase UHRF1'
3 water water
#
loop_
_entity_poly.entity_id
_entity_poly.type
_entity_poly.pdbx_seq_one_letter_code
_entity_poly.pdbx_strand_id
1 'polypeptide(L)'
;SAHLYMQVQIVAEDQFCGHQGNDMYDEEKVKYTVFKVLKNSSLAEFVQSLSQTMGFPQDQIRLWPMQARSNGTKRPAMLD
NEADGNKTMIELSDNENPWTIFLETVDPELAASGATLPKFDKDHDVMLFLKMYDPKTRSLNYCGHIYTPISCKIRDLLPV
MCDRAGFIQDTSLILYEEVKPNLTERIQDYDVSLDKALDELMDGDIIVFQKDDPENDNSELPTAKEYFRDLYHRVDVIFC
DKTIPNDPGFVVTLSNRMNYFQVAKTVAQRLNTDPMLLQFFKSQGYRDGPGNPLRHNYEGTLRDLLQFFKPRQPKKLYYQ
QL
;
A,B
2 'polypeptide(L)' SEGGFASPRTGKGKWKRKSAGGGPSRAGSPRRT C,D
#
# COMPACT_ATOMS: atom_id res chain seq x y z
N ALA A 2 -18.55 6.49 -5.65
CA ALA A 2 -19.29 5.55 -4.83
C ALA A 2 -18.79 4.13 -5.07
N HIS A 3 -19.64 3.28 -5.63
CA HIS A 3 -19.24 1.93 -6.00
C HIS A 3 -18.82 1.90 -7.46
N LEU A 4 -18.64 3.08 -8.05
CA LEU A 4 -18.16 3.20 -9.42
C LEU A 4 -16.64 3.31 -9.43
N TYR A 5 -16.03 3.11 -8.25
CA TYR A 5 -14.60 3.21 -8.11
C TYR A 5 -13.96 1.89 -7.72
N MET A 6 -12.71 1.70 -8.13
CA MET A 6 -11.93 0.52 -7.78
C MET A 6 -10.56 0.93 -7.28
N GLN A 7 -9.97 0.09 -6.45
CA GLN A 7 -8.66 0.35 -5.91
C GLN A 7 -7.59 -0.38 -6.73
N VAL A 8 -6.58 0.34 -7.18
CA VAL A 8 -5.48 -0.29 -7.89
C VAL A 8 -4.20 -0.13 -7.08
N GLN A 9 -3.53 -1.26 -6.85
CA GLN A 9 -2.39 -1.33 -5.96
C GLN A 9 -1.12 -1.67 -6.73
N ILE A 10 -0.19 -0.73 -6.73
CA ILE A 10 1.05 -0.82 -7.46
C ILE A 10 2.17 -1.32 -6.56
N VAL A 11 2.80 -2.42 -6.94
CA VAL A 11 3.93 -2.94 -6.15
C VAL A 11 5.20 -2.76 -6.95
N ALA A 12 6.26 -2.32 -6.27
CA ALA A 12 7.54 -2.08 -6.96
C ALA A 12 8.52 -3.18 -6.59
N GLU A 13 9.62 -3.22 -7.34
CA GLU A 13 10.60 -4.31 -7.23
C GLU A 13 11.30 -4.35 -5.88
N ASP A 14 11.48 -3.19 -5.27
CA ASP A 14 12.11 -3.11 -3.95
C ASP A 14 11.36 -3.94 -2.89
N GLN A 15 10.09 -4.23 -3.14
CA GLN A 15 9.32 -5.08 -2.24
C GLN A 15 9.67 -6.56 -2.44
N PHE A 16 10.27 -6.90 -3.57
CA PHE A 16 10.66 -8.28 -3.83
C PHE A 16 11.97 -8.56 -3.11
N CYS A 17 12.75 -7.52 -2.86
CA CYS A 17 14.02 -7.67 -2.14
C CYS A 17 13.82 -8.13 -0.72
N GLY A 18 14.59 -9.12 -0.30
CA GLY A 18 14.54 -9.56 1.09
C GLY A 18 13.43 -10.54 1.41
N HIS A 19 12.48 -10.71 0.48
CA HIS A 19 11.40 -11.68 0.69
C HIS A 19 11.99 -13.09 0.83
N GLN A 20 11.62 -13.77 1.92
CA GLN A 20 12.13 -15.13 2.22
C GLN A 20 11.12 -16.20 1.88
N GLY A 21 9.97 -15.81 1.37
CA GLY A 21 8.90 -16.78 1.15
C GLY A 21 8.74 -17.21 -0.30
N ASN A 22 7.64 -17.90 -0.56
CA ASN A 22 7.26 -18.29 -1.91
C ASN A 22 6.72 -17.07 -2.64
N ASP A 23 6.73 -17.11 -3.98
CA ASP A 23 6.25 -16.00 -4.81
C ASP A 23 7.13 -14.75 -4.62
N MET A 24 6.67 -13.57 -5.04
CA MET A 24 7.57 -12.42 -5.06
C MET A 24 7.59 -11.65 -3.74
N TYR A 25 6.49 -11.73 -3.02
CA TYR A 25 6.34 -10.97 -1.79
C TYR A 25 5.21 -11.55 -0.95
N ASP A 26 5.08 -11.03 0.25
CA ASP A 26 4.07 -11.48 1.17
C ASP A 26 2.80 -10.73 0.92
N GLU A 27 1.82 -11.42 0.39
CA GLU A 27 0.49 -10.86 0.16
C GLU A 27 -0.14 -10.27 1.43
N GLU A 28 0.27 -10.77 2.58
CA GLU A 28 -0.31 -10.31 3.84
C GLU A 28 0.42 -9.11 4.46
N LYS A 29 1.59 -8.77 3.93
CA LYS A 29 2.43 -7.69 4.46
C LYS A 29 3.27 -7.08 3.34
N VAL A 30 2.83 -5.96 2.76
CA VAL A 30 3.53 -5.39 1.62
C VAL A 30 3.18 -3.91 1.45
N LYS A 31 4.17 -3.11 1.03
CA LYS A 31 3.97 -1.70 0.67
C LYS A 31 3.47 -1.56 -0.79
N TYR A 32 2.34 -0.88 -0.93
CA TYR A 32 1.73 -0.55 -2.21
C TYR A 32 1.61 0.97 -2.35
N THR A 33 1.73 1.44 -3.60
CA THR A 33 1.24 2.77 -3.92
C THR A 33 -0.18 2.57 -4.41
N VAL A 34 -1.13 3.20 -3.73
CA VAL A 34 -2.52 2.89 -3.98
C VAL A 34 -3.23 4.03 -4.74
N PHE A 35 -4.06 3.65 -5.71
CA PHE A 35 -4.75 4.57 -6.59
C PHE A 35 -6.24 4.31 -6.54
N LYS A 36 -7.01 5.36 -6.33
CA LYS A 36 -8.45 5.26 -6.48
C LYS A 36 -8.75 5.63 -7.93
N VAL A 37 -9.36 4.70 -8.65
CA VAL A 37 -9.54 4.85 -10.09
C VAL A 37 -10.97 4.49 -10.47
N LEU A 38 -11.53 5.22 -11.43
CA LEU A 38 -12.84 4.91 -11.96
C LEU A 38 -12.80 3.57 -12.69
N LYS A 39 -13.78 2.72 -12.39
CA LYS A 39 -13.89 1.42 -13.03
C LYS A 39 -13.99 1.53 -14.54
N ASN A 40 -14.67 2.57 -15.01
CA ASN A 40 -14.83 2.77 -16.45
C ASN A 40 -13.78 3.72 -17.03
N SER A 41 -12.67 3.90 -16.33
CA SER A 41 -11.55 4.69 -16.85
C SER A 41 -10.71 3.82 -17.76
N SER A 42 -9.78 4.45 -18.46
CA SER A 42 -8.97 3.77 -19.46
C SER A 42 -7.62 3.36 -18.92
N LEU A 43 -6.99 2.37 -19.55
CA LEU A 43 -5.63 2.00 -19.19
C LEU A 43 -4.68 3.15 -19.50
N ALA A 44 -4.79 3.70 -20.70
CA ALA A 44 -3.93 4.80 -21.14
C ALA A 44 -4.03 5.99 -20.20
N GLU A 45 -5.22 6.21 -19.64
CA GLU A 45 -5.41 7.25 -18.65
C GLU A 45 -4.60 6.95 -17.40
N PHE A 46 -4.74 5.73 -16.89
CA PHE A 46 -4.05 5.33 -15.67
C PHE A 46 -2.55 5.44 -15.87
N VAL A 47 -2.07 5.01 -17.03
CA VAL A 47 -0.63 5.02 -17.34
C VAL A 47 -0.04 6.43 -17.30
N GLN A 48 -0.74 7.38 -17.92
CA GLN A 48 -0.34 8.78 -17.83
C GLN A 48 -0.41 9.29 -16.38
N SER A 49 -1.51 9.00 -15.69
CA SER A 49 -1.68 9.37 -14.30
C SER A 49 -0.64 8.69 -13.40
N LEU A 50 -0.22 7.49 -13.80
CA LEU A 50 0.84 6.78 -13.12
C LEU A 50 2.21 7.38 -13.42
N SER A 51 2.46 7.66 -14.70
CA SER A 51 3.69 8.31 -15.12
C SER A 51 3.94 9.61 -14.35
N GLN A 52 2.94 10.50 -14.34
CA GLN A 52 3.06 11.80 -13.70
C GLN A 52 3.37 11.69 -12.21
N THR A 53 2.86 10.64 -11.59
CA THR A 53 2.88 10.50 -10.13
C THR A 53 4.19 9.93 -9.59
N MET A 54 4.84 9.05 -10.35
CA MET A 54 6.04 8.39 -9.85
C MET A 54 7.33 8.85 -10.54
N GLY A 55 7.25 9.97 -11.26
CA GLY A 55 8.41 10.58 -11.89
C GLY A 55 9.06 9.76 -13.00
N PHE A 56 8.24 9.14 -13.83
CA PHE A 56 8.76 8.31 -14.92
C PHE A 56 7.98 8.53 -16.22
N PRO A 57 8.68 8.75 -17.32
CA PRO A 57 8.04 8.83 -18.64
C PRO A 57 7.43 7.49 -19.02
N GLN A 58 6.36 7.50 -19.81
CA GLN A 58 5.59 6.27 -20.06
C GLN A 58 6.40 5.22 -20.79
N ASP A 59 7.44 5.64 -21.49
CA ASP A 59 8.27 4.72 -22.25
C ASP A 59 9.17 3.88 -21.33
N GLN A 60 9.37 4.35 -20.10
CA GLN A 60 10.28 3.67 -19.19
C GLN A 60 9.54 2.83 -18.16
N ILE A 61 8.24 2.64 -18.32
CA ILE A 61 7.49 1.80 -17.37
C ILE A 61 6.68 0.74 -18.07
N ARG A 62 6.50 -0.41 -17.41
CA ARG A 62 5.62 -1.43 -17.94
C ARG A 62 4.85 -2.10 -16.81
N LEU A 63 3.55 -2.27 -17.03
CA LEU A 63 2.63 -2.82 -16.06
C LEU A 63 2.47 -4.33 -16.24
N TRP A 64 2.72 -5.09 -15.17
CA TRP A 64 2.49 -6.53 -15.14
C TRP A 64 1.48 -6.89 -14.03
N PRO A 65 0.18 -6.95 -14.35
CA PRO A 65 -0.80 -7.29 -13.32
C PRO A 65 -0.53 -8.58 -12.57
N MET A 66 -0.73 -8.51 -11.26
CA MET A 66 -0.55 -9.67 -10.41
C MET A 66 -1.74 -10.58 -10.65
N GLN A 67 -1.43 -11.81 -11.01
CA GLN A 67 -2.44 -12.75 -11.46
C GLN A 67 -2.44 -14.00 -10.56
N ALA A 68 -3.61 -14.33 -10.03
CA ALA A 68 -3.76 -15.51 -9.22
C ALA A 68 -3.86 -16.71 -10.12
N ARG A 69 -3.12 -17.74 -9.76
CA ARG A 69 -3.10 -18.98 -10.52
C ARG A 69 -3.95 -20.01 -9.79
N SER A 70 -4.44 -20.98 -10.56
CA SER A 70 -5.31 -22.01 -10.03
C SER A 70 -4.65 -22.79 -8.86
N ASN A 71 -3.33 -22.87 -8.85
CA ASN A 71 -2.62 -23.60 -7.82
C ASN A 71 -2.40 -22.77 -6.54
N GLY A 72 -2.92 -21.55 -6.51
CA GLY A 72 -2.86 -20.75 -5.30
C GLY A 72 -1.75 -19.71 -5.24
N THR A 73 -0.82 -19.77 -6.18
CA THR A 73 0.24 -18.77 -6.24
C THR A 73 -0.27 -17.50 -6.91
N LYS A 74 0.45 -16.40 -6.73
CA LYS A 74 0.18 -15.16 -7.43
C LYS A 74 1.46 -14.61 -8.06
N ARG A 75 1.40 -14.31 -9.35
CA ARG A 75 2.59 -13.93 -10.12
C ARG A 75 2.31 -12.81 -11.13
N PRO A 76 3.31 -11.99 -11.43
CA PRO A 76 3.13 -10.98 -12.48
C PRO A 76 2.76 -11.64 -13.82
N ALA A 77 1.79 -11.07 -14.51
CA ALA A 77 1.40 -11.56 -15.82
C ALA A 77 1.39 -10.40 -16.82
N MET A 78 1.53 -10.75 -18.09
CA MET A 78 1.69 -9.77 -19.15
C MET A 78 0.43 -8.95 -19.42
N LEU A 79 0.63 -7.65 -19.68
CA LEU A 79 -0.45 -6.81 -20.17
C LEU A 79 0.06 -5.83 -21.22
N ALA A 83 -1.90 -1.74 -27.22
CA ALA A 83 -2.10 -3.14 -27.60
C ALA A 83 -3.46 -3.59 -27.06
N ASP A 84 -3.56 -3.65 -25.75
CA ASP A 84 -4.82 -3.46 -25.05
C ASP A 84 -4.53 -2.16 -24.31
N GLY A 85 -5.54 -1.40 -23.91
CA GLY A 85 -5.29 -0.12 -23.29
C GLY A 85 -6.35 0.92 -23.55
N ASN A 86 -7.49 0.41 -24.00
CA ASN A 86 -8.67 1.23 -24.20
C ASN A 86 -9.86 0.51 -23.59
N LYS A 87 -9.63 -0.72 -23.15
CA LYS A 87 -10.62 -1.41 -22.32
C LYS A 87 -10.71 -0.66 -20.99
N THR A 88 -11.79 -0.87 -20.25
CA THR A 88 -11.94 -0.25 -18.94
C THR A 88 -11.04 -0.98 -17.95
N MET A 89 -10.73 -0.31 -16.84
CA MET A 89 -9.85 -0.91 -15.84
C MET A 89 -10.52 -2.08 -15.16
N ILE A 90 -11.83 -1.96 -14.93
CA ILE A 90 -12.58 -3.03 -14.28
C ILE A 90 -12.73 -4.24 -15.20
N GLU A 91 -12.66 -4.04 -16.50
CA GLU A 91 -12.66 -5.17 -17.43
C GLU A 91 -11.29 -5.84 -17.44
N LEU A 92 -10.23 -5.04 -17.44
CA LEU A 92 -8.86 -5.57 -17.43
C LEU A 92 -8.56 -6.33 -16.14
N SER A 93 -9.13 -5.86 -15.03
CA SER A 93 -8.95 -6.52 -13.74
C SER A 93 -9.86 -7.74 -13.64
N ASP A 94 -10.75 -7.86 -14.62
CA ASP A 94 -11.78 -8.90 -14.62
C ASP A 94 -12.54 -8.90 -13.31
N ASN A 95 -13.02 -7.71 -12.94
CA ASN A 95 -13.77 -7.49 -11.71
C ASN A 95 -13.01 -7.81 -10.42
N GLU A 96 -11.69 -7.77 -10.45
CA GLU A 96 -10.99 -7.78 -9.18
C GLU A 96 -10.80 -6.40 -8.62
N ASN A 97 -11.08 -6.29 -7.34
CA ASN A 97 -11.06 -5.05 -6.62
C ASN A 97 -10.76 -5.38 -5.16
N PRO A 98 -9.56 -5.03 -4.70
CA PRO A 98 -8.52 -4.32 -5.43
C PRO A 98 -7.79 -5.15 -6.49
N TRP A 99 -7.11 -4.43 -7.37
CA TRP A 99 -6.31 -5.01 -8.44
C TRP A 99 -4.87 -4.63 -8.17
N THR A 100 -3.99 -5.62 -8.09
CA THR A 100 -2.60 -5.37 -7.77
C THR A 100 -1.77 -5.56 -9.02
N ILE A 101 -0.80 -4.66 -9.22
CA ILE A 101 -0.03 -4.62 -10.45
C ILE A 101 1.43 -4.43 -10.14
N PHE A 102 2.28 -5.28 -10.70
CA PHE A 102 3.70 -5.07 -10.62
C PHE A 102 4.15 -4.03 -11.66
N LEU A 103 4.80 -3.00 -11.15
CA LEU A 103 5.32 -1.94 -12.00
C LEU A 103 6.81 -2.12 -12.21
N GLU A 104 7.18 -2.57 -13.40
CA GLU A 104 8.58 -2.60 -13.78
C GLU A 104 9.02 -1.21 -14.22
N THR A 105 10.20 -0.79 -13.77
CA THR A 105 10.76 0.45 -14.26
C THR A 105 12.19 0.22 -14.73
N VAL A 106 12.67 1.12 -15.58
CA VAL A 106 14.02 1.09 -16.11
C VAL A 106 15.04 1.57 -15.05
N ASP A 107 16.33 1.49 -15.35
CA ASP A 107 17.37 2.15 -14.59
C ASP A 107 18.66 2.31 -15.41
N PRO A 108 19.21 3.54 -15.51
CA PRO A 108 20.40 3.86 -16.33
C PRO A 108 21.53 2.82 -16.22
N THR A 116 15.24 3.78 -22.32
CA THR A 116 13.92 3.18 -22.22
C THR A 116 13.98 1.68 -21.98
N LEU A 117 12.86 1.08 -21.59
CA LEU A 117 12.77 -0.36 -21.39
C LEU A 117 13.00 -1.12 -22.70
N PRO A 118 13.60 -2.31 -22.59
CA PRO A 118 13.79 -3.08 -23.82
C PRO A 118 12.42 -3.54 -24.31
N LYS A 119 12.32 -3.80 -25.60
CA LYS A 119 11.07 -4.26 -26.15
C LYS A 119 10.80 -5.66 -25.58
N PHE A 120 9.52 -5.98 -25.46
CA PHE A 120 9.12 -7.31 -25.05
C PHE A 120 8.21 -7.87 -26.11
N ASP A 121 8.56 -9.02 -26.68
CA ASP A 121 7.71 -9.63 -27.68
C ASP A 121 6.82 -10.61 -26.96
N LYS A 122 5.54 -10.31 -26.93
CA LYS A 122 4.53 -11.12 -26.23
C LYS A 122 4.49 -12.57 -26.68
N ASP A 123 5.07 -12.88 -27.83
CA ASP A 123 4.98 -14.23 -28.38
C ASP A 123 6.29 -15.01 -28.33
N HIS A 124 7.41 -14.34 -28.21
CA HIS A 124 8.70 -15.01 -28.21
C HIS A 124 9.48 -14.91 -26.89
N ASP A 125 9.21 -13.89 -26.09
CA ASP A 125 9.92 -13.73 -24.84
C ASP A 125 9.12 -14.22 -23.65
N VAL A 126 9.81 -14.33 -22.52
CA VAL A 126 9.14 -14.58 -21.26
C VAL A 126 9.84 -13.75 -20.19
N MET A 127 9.08 -13.21 -19.26
CA MET A 127 9.69 -12.52 -18.14
C MET A 127 9.87 -13.49 -16.98
N LEU A 128 11.13 -13.77 -16.65
CA LEU A 128 11.49 -14.70 -15.59
C LEU A 128 12.10 -14.00 -14.39
N PHE A 129 11.70 -14.44 -13.20
CA PHE A 129 12.28 -13.93 -11.98
C PHE A 129 13.31 -14.92 -11.46
N LEU A 130 14.32 -14.39 -10.78
CA LEU A 130 15.41 -15.22 -10.31
C LEU A 130 15.60 -15.06 -8.82
N LYS A 131 15.85 -16.17 -8.14
CA LYS A 131 16.23 -16.18 -6.73
C LYS A 131 17.46 -17.07 -6.57
N MET A 132 18.41 -16.63 -5.76
CA MET A 132 19.54 -17.46 -5.39
C MET A 132 19.35 -17.98 -3.97
N TYR A 133 19.59 -19.27 -3.74
CA TYR A 133 19.46 -19.79 -2.39
C TYR A 133 20.84 -20.02 -1.78
N ASP A 134 21.03 -19.59 -0.53
CA ASP A 134 22.29 -19.82 0.17
C ASP A 134 22.12 -20.84 1.32
N PRO A 135 22.59 -22.07 1.13
CA PRO A 135 22.38 -23.10 2.16
C PRO A 135 23.07 -22.78 3.49
N LYS A 136 24.21 -22.09 3.46
CA LYS A 136 24.97 -21.78 4.68
C LYS A 136 24.16 -20.91 5.66
N THR A 137 23.50 -19.88 5.13
CA THR A 137 22.69 -18.99 5.95
C THR A 137 21.21 -19.34 5.89
N ARG A 138 20.84 -20.29 5.03
CA ARG A 138 19.46 -20.71 4.85
C ARG A 138 18.57 -19.51 4.46
N SER A 139 19.00 -18.77 3.45
CA SER A 139 18.23 -17.61 3.00
C SER A 139 18.15 -17.49 1.50
N LEU A 140 17.11 -16.80 1.05
CA LEU A 140 16.88 -16.48 -0.35
C LEU A 140 17.37 -15.10 -0.65
N ASN A 141 17.91 -14.92 -1.83
CA ASN A 141 18.37 -13.61 -2.25
C ASN A 141 17.81 -13.30 -3.61
N TYR A 142 16.98 -12.26 -3.65
CA TYR A 142 16.28 -11.89 -4.87
C TYR A 142 17.27 -11.39 -5.92
N CYS A 143 17.24 -11.98 -7.11
CA CYS A 143 18.20 -11.62 -8.14
C CYS A 143 17.55 -10.97 -9.34
N GLY A 144 16.39 -10.36 -9.12
CA GLY A 144 15.76 -9.56 -10.14
C GLY A 144 15.08 -10.39 -11.19
N HIS A 145 14.79 -9.74 -12.32
CA HIS A 145 14.08 -10.40 -13.40
C HIS A 145 14.85 -10.23 -14.72
N ILE A 146 14.48 -11.03 -15.71
CA ILE A 146 15.07 -10.97 -17.04
C ILE A 146 14.04 -11.19 -18.13
N TYR A 147 14.26 -10.51 -19.25
CA TYR A 147 13.60 -10.82 -20.50
C TYR A 147 14.44 -11.89 -21.19
N THR A 148 13.84 -13.02 -21.49
CA THR A 148 14.57 -14.03 -22.22
C THR A 148 13.67 -14.65 -23.27
N PRO A 149 14.24 -14.92 -24.45
CA PRO A 149 13.50 -15.69 -25.45
C PRO A 149 13.22 -17.10 -24.92
N ILE A 150 11.99 -17.53 -25.13
CA ILE A 150 11.56 -18.87 -24.78
C ILE A 150 12.49 -19.93 -25.40
N SER A 151 12.94 -19.67 -26.63
CA SER A 151 13.83 -20.59 -27.35
C SER A 151 15.24 -20.65 -26.76
N CYS A 152 15.50 -19.88 -25.72
CA CYS A 152 16.83 -19.83 -25.13
C CYS A 152 17.11 -21.11 -24.30
N LYS A 153 18.32 -21.65 -24.42
CA LYS A 153 18.68 -22.81 -23.60
C LYS A 153 18.89 -22.39 -22.17
N ILE A 154 18.75 -23.33 -21.25
CA ILE A 154 18.97 -23.11 -19.83
C ILE A 154 20.43 -22.75 -19.58
N ARG A 155 21.31 -23.48 -20.25
CA ARG A 155 22.75 -23.24 -20.15
C ARG A 155 23.09 -21.78 -20.42
N ASP A 156 22.33 -21.15 -21.31
CA ASP A 156 22.60 -19.77 -21.67
C ASP A 156 22.21 -18.78 -20.57
N LEU A 157 21.43 -19.24 -19.59
CA LEU A 157 20.98 -18.38 -18.48
C LEU A 157 21.96 -18.37 -17.32
N LEU A 158 22.88 -19.32 -17.32
CA LEU A 158 23.81 -19.48 -16.22
C LEU A 158 24.69 -18.25 -15.98
N PRO A 159 25.24 -17.61 -17.06
CA PRO A 159 26.10 -16.46 -16.76
C PRO A 159 25.36 -15.32 -16.07
N VAL A 160 24.12 -15.06 -16.47
CA VAL A 160 23.34 -13.99 -15.85
C VAL A 160 23.06 -14.31 -14.38
N MET A 161 22.79 -15.56 -14.07
CA MET A 161 22.60 -15.99 -12.69
C MET A 161 23.86 -15.83 -11.86
N CYS A 162 24.98 -16.28 -12.40
CA CYS A 162 26.28 -16.13 -11.75
C CYS A 162 26.59 -14.66 -11.52
N ASP A 163 26.30 -13.86 -12.55
CA ASP A 163 26.53 -12.44 -12.51
C ASP A 163 25.74 -11.80 -11.36
N ARG A 164 24.44 -12.05 -11.31
CA ARG A 164 23.59 -11.39 -10.34
C ARG A 164 23.75 -11.94 -8.92
N ALA A 165 24.30 -13.14 -8.76
CA ALA A 165 24.49 -13.65 -7.40
C ALA A 165 25.87 -13.31 -6.86
N GLY A 166 26.78 -12.88 -7.73
CA GLY A 166 28.13 -12.56 -7.31
C GLY A 166 29.06 -13.75 -7.33
N PHE A 167 28.66 -14.80 -8.03
CA PHE A 167 29.49 -15.99 -8.21
C PHE A 167 30.50 -15.78 -9.34
N ILE A 168 31.65 -16.44 -9.23
CA ILE A 168 32.63 -16.50 -10.30
C ILE A 168 31.97 -17.09 -11.55
N GLN A 169 32.43 -16.69 -12.73
CA GLN A 169 31.88 -17.24 -13.97
C GLN A 169 32.16 -18.73 -14.06
N ASP A 170 31.25 -19.46 -14.69
CA ASP A 170 31.31 -20.91 -14.83
C ASP A 170 31.27 -21.64 -13.47
N THR A 171 30.75 -20.96 -12.45
CA THR A 171 30.44 -21.64 -11.19
C THR A 171 29.32 -22.67 -11.42
N SER A 172 29.56 -23.92 -11.03
CA SER A 172 28.55 -24.96 -11.09
C SER A 172 27.30 -24.59 -10.30
N LEU A 173 26.14 -24.57 -10.95
CA LEU A 173 24.88 -24.24 -10.29
C LEU A 173 23.88 -25.39 -10.29
N ILE A 174 23.04 -25.40 -9.27
CA ILE A 174 21.86 -26.24 -9.26
C ILE A 174 20.63 -25.37 -9.43
N LEU A 175 19.78 -25.69 -10.40
CA LEU A 175 18.63 -24.86 -10.73
C LEU A 175 17.29 -25.55 -10.41
N TYR A 176 16.37 -24.83 -9.82
CA TYR A 176 15.03 -25.35 -9.57
C TYR A 176 14.01 -24.39 -10.15
N GLU A 177 12.85 -24.90 -10.53
CA GLU A 177 11.71 -24.05 -10.73
C GLU A 177 10.91 -23.99 -9.44
N GLU A 178 10.69 -22.79 -8.89
CA GLU A 178 9.73 -22.64 -7.79
C GLU A 178 8.32 -22.66 -8.37
N VAL A 179 7.65 -23.80 -8.36
CA VAL A 179 6.34 -23.88 -8.99
C VAL A 179 5.25 -23.32 -8.08
N LYS A 180 5.29 -23.79 -6.84
CA LYS A 180 4.30 -23.41 -5.83
C LYS A 180 4.81 -23.91 -4.47
N PRO A 181 4.16 -23.50 -3.36
CA PRO A 181 4.61 -23.99 -2.05
C PRO A 181 4.73 -25.52 -2.04
N ASN A 182 5.86 -26.02 -1.54
CA ASN A 182 6.16 -27.46 -1.45
C ASN A 182 6.37 -28.13 -2.81
N LEU A 183 6.55 -27.33 -3.87
CA LEU A 183 6.89 -27.91 -5.16
C LEU A 183 7.99 -27.09 -5.79
N THR A 184 9.21 -27.56 -5.58
CA THR A 184 10.41 -26.94 -6.09
C THR A 184 11.11 -27.98 -6.98
N GLU A 185 10.97 -27.83 -8.29
CA GLU A 185 11.40 -28.89 -9.22
C GLU A 185 12.75 -28.61 -9.88
N ARG A 186 13.66 -29.56 -9.68
CA ARG A 186 15.02 -29.41 -10.17
C ARG A 186 15.04 -29.51 -11.69
N ILE A 187 15.74 -28.57 -12.32
CA ILE A 187 15.95 -28.62 -13.75
C ILE A 187 17.18 -29.51 -14.05
N GLN A 188 16.93 -30.59 -14.77
CA GLN A 188 17.94 -31.64 -14.96
C GLN A 188 18.77 -31.51 -16.22
N ASP A 189 18.18 -30.98 -17.27
CA ASP A 189 18.90 -30.85 -18.53
C ASP A 189 19.03 -29.39 -18.95
N TYR A 190 20.25 -28.88 -18.85
CA TYR A 190 20.49 -27.47 -19.11
C TYR A 190 20.51 -27.11 -20.60
N ASP A 191 20.50 -28.12 -21.47
CA ASP A 191 20.64 -27.88 -22.91
C ASP A 191 19.36 -27.95 -23.73
N VAL A 192 18.23 -27.62 -23.11
CA VAL A 192 16.97 -27.53 -23.82
C VAL A 192 16.42 -26.13 -23.68
N SER A 193 15.51 -25.78 -24.57
CA SER A 193 14.90 -24.47 -24.52
C SER A 193 14.10 -24.34 -23.22
N LEU A 194 13.73 -23.12 -22.89
CA LEU A 194 13.06 -22.83 -21.61
C LEU A 194 11.71 -23.47 -21.53
N ASP A 195 11.01 -23.50 -22.67
CA ASP A 195 9.67 -24.06 -22.67
C ASP A 195 9.71 -25.59 -22.55
N LYS A 196 10.88 -26.15 -22.82
CA LYS A 196 11.05 -27.59 -22.74
C LYS A 196 11.41 -27.96 -21.31
N ALA A 197 12.17 -27.07 -20.65
CA ALA A 197 12.59 -27.26 -19.27
C ALA A 197 11.46 -27.07 -18.28
N LEU A 198 10.67 -26.04 -18.52
CA LEU A 198 9.57 -25.70 -17.62
C LEU A 198 8.22 -26.02 -18.26
N ASP A 199 7.49 -26.95 -17.66
CA ASP A 199 6.14 -27.22 -18.10
C ASP A 199 5.27 -25.99 -17.88
N GLU A 200 4.37 -25.74 -18.83
CA GLU A 200 3.51 -24.57 -18.81
C GLU A 200 4.28 -23.28 -18.51
N LEU A 201 5.35 -23.05 -19.26
CA LEU A 201 6.17 -21.86 -19.11
C LEU A 201 5.30 -20.61 -19.26
N MET A 202 5.48 -19.69 -18.32
CA MET A 202 4.69 -18.47 -18.24
C MET A 202 5.54 -17.31 -17.76
N ASP A 203 5.15 -16.10 -18.13
CA ASP A 203 5.66 -14.91 -17.46
C ASP A 203 5.42 -15.02 -15.96
N GLY A 204 6.40 -14.58 -15.19
CA GLY A 204 6.26 -14.57 -13.74
C GLY A 204 6.65 -15.91 -13.11
N ASP A 205 7.23 -16.80 -13.91
CA ASP A 205 7.80 -18.00 -13.37
C ASP A 205 9.11 -17.67 -12.66
N ILE A 206 9.49 -18.53 -11.76
CA ILE A 206 10.62 -18.27 -10.88
C ILE A 206 11.65 -19.39 -10.98
N ILE A 207 12.90 -19.02 -11.24
CA ILE A 207 13.95 -20.01 -11.15
C ILE A 207 14.79 -19.70 -9.94
N VAL A 208 14.93 -20.70 -9.07
CA VAL A 208 15.81 -20.60 -7.91
C VAL A 208 17.06 -21.41 -8.15
N PHE A 209 18.22 -20.81 -7.89
CA PHE A 209 19.48 -21.48 -8.16
C PHE A 209 20.42 -21.35 -6.97
N GLN A 210 21.38 -22.26 -6.88
CA GLN A 210 22.35 -22.22 -5.81
C GLN A 210 23.71 -22.77 -6.26
N LYS A 211 24.75 -22.49 -5.49
CA LYS A 211 26.04 -23.06 -5.79
C LYS A 211 25.97 -24.55 -5.52
N ASP A 212 26.54 -25.32 -6.43
CA ASP A 212 26.73 -26.75 -6.24
C ASP A 212 28.08 -27.01 -5.59
N ASP A 213 28.11 -26.94 -4.27
CA ASP A 213 29.33 -27.18 -3.51
C ASP A 213 29.08 -28.24 -2.45
N PRO A 214 30.06 -29.13 -2.23
CA PRO A 214 29.88 -30.20 -1.25
C PRO A 214 29.61 -29.67 0.16
N GLU A 215 30.07 -28.45 0.44
CA GLU A 215 29.84 -27.84 1.74
C GLU A 215 28.35 -27.58 2.06
N ASN A 216 27.48 -27.73 1.06
CA ASN A 216 26.04 -27.53 1.29
C ASN A 216 25.48 -28.56 2.27
N ASP A 217 26.02 -29.77 2.25
CA ASP A 217 25.39 -30.86 2.98
C ASP A 217 25.58 -30.77 4.51
N ASN A 218 26.43 -29.85 4.97
CA ASN A 218 26.53 -29.57 6.38
C ASN A 218 25.39 -28.70 6.87
N SER A 219 24.73 -28.05 5.91
CA SER A 219 23.64 -27.17 6.25
C SER A 219 22.44 -27.96 6.72
N GLU A 220 21.67 -27.36 7.63
CA GLU A 220 20.39 -27.92 8.01
C GLU A 220 19.50 -28.04 6.79
N LEU A 221 19.56 -27.03 5.91
CA LEU A 221 18.76 -27.02 4.70
C LEU A 221 19.65 -26.88 3.47
N PRO A 222 20.22 -28.00 2.98
CA PRO A 222 21.26 -27.99 1.95
C PRO A 222 20.83 -27.53 0.54
N THR A 223 19.56 -27.63 0.17
CA THR A 223 19.10 -27.17 -1.15
C THR A 223 17.86 -26.30 -1.00
N ALA A 224 17.50 -25.61 -2.08
CA ALA A 224 16.35 -24.70 -2.05
C ALA A 224 15.04 -25.48 -1.89
N LYS A 225 15.01 -26.69 -2.44
CA LYS A 225 13.89 -27.62 -2.27
C LYS A 225 13.64 -27.87 -0.80
N GLU A 226 14.71 -28.16 -0.08
CA GLU A 226 14.64 -28.40 1.36
C GLU A 226 14.16 -27.18 2.09
N TYR A 227 14.74 -26.04 1.73
CA TYR A 227 14.29 -24.78 2.28
C TYR A 227 12.77 -24.60 2.15
N PHE A 228 12.26 -24.74 0.92
CA PHE A 228 10.85 -24.46 0.70
C PHE A 228 9.94 -25.49 1.38
N ARG A 229 10.41 -26.74 1.42
CA ARG A 229 9.71 -27.79 2.15
C ARG A 229 9.57 -27.47 3.65
N ASP A 230 10.66 -27.06 4.26
CA ASP A 230 10.64 -26.63 5.66
C ASP A 230 9.66 -25.48 5.88
N LEU A 231 9.77 -24.42 5.07
CA LEU A 231 8.88 -23.28 5.14
C LEU A 231 7.41 -23.66 5.00
N TYR A 232 7.14 -24.55 4.05
CA TYR A 232 5.78 -25.01 3.80
C TYR A 232 5.16 -25.72 5.03
N HIS A 233 5.96 -26.47 5.77
CA HIS A 233 5.44 -27.26 6.89
C HIS A 233 5.53 -26.52 8.21
N ARG A 234 6.14 -25.34 8.21
CA ARG A 234 6.34 -24.56 9.43
C ARG A 234 5.00 -24.12 10.00
N VAL A 235 4.81 -24.26 11.32
CA VAL A 235 3.53 -23.93 11.94
C VAL A 235 3.74 -23.38 13.35
N ASP A 236 3.00 -22.34 13.70
CA ASP A 236 3.08 -21.78 15.04
C ASP A 236 1.91 -22.31 15.81
N VAL A 237 2.18 -22.80 17.02
CA VAL A 237 1.15 -23.37 17.88
C VAL A 237 1.18 -22.66 19.25
N ILE A 238 0.01 -22.28 19.74
CA ILE A 238 -0.10 -21.80 21.11
C ILE A 238 -0.18 -23.00 22.06
N PHE A 239 0.56 -22.94 23.15
CA PHE A 239 0.47 -23.95 24.20
C PHE A 239 -0.04 -23.34 25.50
N CYS A 240 -1.14 -23.89 26.01
CA CYS A 240 -1.78 -23.37 27.21
C CYS A 240 -1.76 -24.39 28.35
N ASP A 241 -1.32 -23.94 29.51
CA ASP A 241 -1.36 -24.69 30.73
C ASP A 241 -2.80 -24.92 31.17
N LYS A 242 -3.22 -26.18 31.14
CA LYS A 242 -4.57 -26.60 31.51
C LYS A 242 -4.97 -26.10 32.92
N THR A 243 -4.02 -26.16 33.85
CA THR A 243 -4.28 -25.90 35.25
C THR A 243 -4.20 -24.40 35.60
N ILE A 244 -3.85 -23.59 34.61
CA ILE A 244 -3.87 -22.13 34.77
C ILE A 244 -5.01 -21.52 33.96
N PRO A 245 -6.09 -21.11 34.65
CA PRO A 245 -7.30 -20.57 34.03
C PRO A 245 -7.03 -19.31 33.22
N ASN A 246 -7.55 -19.28 32.00
CA ASN A 246 -7.39 -18.14 31.10
C ASN A 246 -5.93 -17.82 30.79
N ASP A 247 -5.10 -18.85 30.78
CA ASP A 247 -3.70 -18.73 30.36
C ASP A 247 -3.65 -18.33 28.88
N PRO A 248 -2.99 -17.20 28.57
CA PRO A 248 -2.77 -16.80 27.17
C PRO A 248 -1.86 -17.79 26.47
N GLY A 249 -1.05 -18.47 27.27
CA GLY A 249 -0.11 -19.45 26.75
C GLY A 249 1.07 -18.83 26.03
N PHE A 250 1.86 -19.67 25.40
CA PHE A 250 2.99 -19.18 24.62
C PHE A 250 3.02 -19.82 23.23
N VAL A 251 3.71 -19.15 22.34
CA VAL A 251 3.81 -19.61 20.96
C VAL A 251 5.08 -20.43 20.74
N VAL A 252 4.92 -21.60 20.16
CA VAL A 252 6.05 -22.41 19.74
C VAL A 252 6.03 -22.66 18.24
N THR A 253 7.17 -22.46 17.57
CA THR A 253 7.31 -22.75 16.15
C THR A 253 7.71 -24.20 15.92
N LEU A 254 6.84 -24.93 15.21
CA LEU A 254 7.02 -26.35 15.02
C LEU A 254 6.95 -26.70 13.54
N SER A 255 7.06 -27.99 13.25
CA SER A 255 6.78 -28.46 11.90
C SER A 255 5.63 -29.43 11.95
N ASN A 256 4.72 -29.29 10.98
CA ASN A 256 3.58 -30.17 10.77
C ASN A 256 3.92 -31.65 10.61
N ARG A 257 5.15 -31.96 10.21
CA ARG A 257 5.49 -33.37 10.04
C ARG A 257 6.21 -33.96 11.26
N MET A 258 6.29 -33.19 12.35
CA MET A 258 6.85 -33.68 13.60
C MET A 258 6.00 -34.84 14.15
N ASN A 259 6.66 -35.83 14.72
CA ASN A 259 5.94 -36.83 15.50
C ASN A 259 5.74 -36.35 16.94
N TYR A 260 5.07 -37.16 17.75
CA TYR A 260 4.81 -36.80 19.14
C TYR A 260 6.08 -36.42 19.88
N PHE A 261 7.12 -37.25 19.74
CA PHE A 261 8.37 -37.07 20.48
C PHE A 261 9.05 -35.74 20.18
N GLN A 262 9.02 -35.32 18.91
CA GLN A 262 9.67 -34.07 18.51
C GLN A 262 8.90 -32.85 19.04
N VAL A 263 7.57 -32.93 19.03
CA VAL A 263 6.76 -31.89 19.64
C VAL A 263 7.08 -31.79 21.13
N ALA A 264 6.96 -32.92 21.82
CA ALA A 264 7.18 -33.01 23.26
C ALA A 264 8.53 -32.44 23.68
N LYS A 265 9.56 -32.84 22.94
CA LYS A 265 10.93 -32.36 23.21
C LYS A 265 11.07 -30.86 22.95
N THR A 266 10.46 -30.37 21.88
CA THR A 266 10.56 -28.94 21.57
C THR A 266 9.83 -28.14 22.67
N VAL A 267 8.61 -28.53 23.01
CA VAL A 267 7.90 -27.81 24.06
C VAL A 267 8.66 -27.92 25.40
N ALA A 268 9.26 -29.07 25.68
CA ALA A 268 10.01 -29.22 26.94
C ALA A 268 11.26 -28.32 27.00
N GLN A 269 11.99 -28.18 25.90
CA GLN A 269 13.13 -27.25 25.90
C GLN A 269 12.65 -25.81 26.10
N ARG A 270 11.44 -25.49 25.63
CA ARG A 270 10.86 -24.16 25.83
C ARG A 270 10.61 -23.86 27.30
N LEU A 271 10.19 -24.90 28.02
CA LEU A 271 9.82 -24.79 29.43
C LEU A 271 10.94 -25.23 30.38
N ASN A 272 12.12 -25.53 29.85
CA ASN A 272 13.24 -26.00 30.67
C ASN A 272 12.83 -27.19 31.55
N THR A 273 12.18 -28.19 30.96
CA THR A 273 11.75 -29.35 31.71
C THR A 273 11.98 -30.63 30.91
N ASP A 274 11.58 -31.76 31.47
CA ASP A 274 11.68 -33.03 30.79
C ASP A 274 10.37 -33.34 30.06
N PRO A 275 10.45 -33.83 28.82
CA PRO A 275 9.23 -34.17 28.08
C PRO A 275 8.36 -35.23 28.76
N MET A 276 8.95 -36.08 29.60
CA MET A 276 8.13 -37.03 30.34
C MET A 276 7.36 -36.36 31.48
N LEU A 277 7.68 -35.11 31.79
CA LEU A 277 6.89 -34.43 32.82
C LEU A 277 5.81 -33.57 32.18
N LEU A 278 5.51 -33.82 30.91
CA LEU A 278 4.52 -33.05 30.19
C LEU A 278 3.40 -33.93 29.64
N GLN A 279 2.18 -33.60 30.01
CA GLN A 279 0.99 -34.25 29.45
C GLN A 279 0.27 -33.28 28.53
N PHE A 280 0.08 -33.67 27.28
CA PHE A 280 -0.61 -32.82 26.31
C PHE A 280 -2.06 -33.26 26.12
N PHE A 281 -2.88 -32.33 25.68
CA PHE A 281 -4.29 -32.55 25.49
C PHE A 281 -4.69 -32.00 24.14
N LYS A 282 -5.60 -32.69 23.45
CA LYS A 282 -6.12 -32.20 22.17
C LYS A 282 -6.95 -30.93 22.31
N SER A 283 -7.39 -30.40 21.17
CA SER A 283 -7.90 -29.03 21.07
C SER A 283 -9.29 -28.74 21.66
N GLN A 284 -10.21 -29.69 21.48
CA GLN A 284 -11.63 -29.48 21.78
C GLN A 284 -12.26 -28.35 20.92
N GLY A 285 -11.51 -27.87 19.92
CA GLY A 285 -12.05 -26.99 18.90
C GLY A 285 -12.54 -25.63 19.38
N TYR A 286 -13.77 -25.29 19.02
CA TYR A 286 -14.36 -24.00 19.35
C TYR A 286 -14.57 -23.81 20.86
N ARG A 287 -14.84 -24.90 21.57
CA ARG A 287 -14.94 -24.88 23.02
C ARG A 287 -13.60 -24.51 23.67
N ASP A 288 -13.66 -23.75 24.76
CA ASP A 288 -12.47 -23.39 25.51
C ASP A 288 -12.09 -24.50 26.48
N GLY A 289 -10.80 -24.72 26.66
CA GLY A 289 -10.33 -25.75 27.56
C GLY A 289 -9.79 -26.98 26.85
N PRO A 290 -9.03 -27.79 27.59
CA PRO A 290 -8.41 -29.00 27.03
C PRO A 290 -9.44 -30.08 26.66
N GLY A 291 -9.14 -30.83 25.61
CA GLY A 291 -9.94 -32.00 25.25
C GLY A 291 -9.31 -33.29 25.73
N ASN A 292 -9.34 -34.31 24.87
CA ASN A 292 -8.83 -35.62 25.24
C ASN A 292 -7.32 -35.63 25.38
N PRO A 293 -6.80 -36.48 26.30
CA PRO A 293 -5.35 -36.56 26.52
C PRO A 293 -4.64 -37.10 25.29
N LEU A 294 -3.44 -36.59 25.03
CA LEU A 294 -2.59 -37.13 23.99
C LEU A 294 -1.63 -38.19 24.59
N ARG A 295 -1.64 -39.40 24.05
CA ARG A 295 -0.80 -40.48 24.56
C ARG A 295 0.55 -40.45 23.87
N HIS A 296 1.61 -40.88 24.55
CA HIS A 296 2.95 -40.71 23.99
C HIS A 296 3.24 -41.75 22.92
N ASN A 297 2.37 -42.73 22.74
CA ASN A 297 2.55 -43.65 21.61
C ASN A 297 1.74 -43.21 20.36
N TYR A 298 1.18 -42.01 20.41
CA TYR A 298 0.50 -41.41 19.24
C TYR A 298 1.28 -41.68 17.96
N GLU A 299 0.59 -42.21 16.96
CA GLU A 299 1.27 -42.65 15.74
C GLU A 299 1.21 -41.63 14.60
N GLY A 300 0.55 -40.50 14.82
CA GLY A 300 0.38 -39.50 13.77
C GLY A 300 1.35 -38.32 13.81
N THR A 301 1.15 -37.35 12.94
CA THR A 301 2.02 -36.18 12.89
C THR A 301 1.34 -34.99 13.54
N LEU A 302 2.10 -33.91 13.73
CA LEU A 302 1.51 -32.69 14.26
C LEU A 302 0.36 -32.21 13.34
N ARG A 303 0.53 -32.39 12.04
CA ARG A 303 -0.51 -32.02 11.09
C ARG A 303 -1.81 -32.78 11.38
N ASP A 304 -1.73 -34.09 11.58
CA ASP A 304 -2.89 -34.92 11.95
C ASP A 304 -3.59 -34.44 13.22
N LEU A 305 -2.81 -33.95 14.18
CA LEU A 305 -3.37 -33.35 15.40
C LEU A 305 -4.09 -32.01 15.21
N LEU A 306 -3.66 -31.24 14.22
CA LEU A 306 -4.21 -29.91 14.00
C LEU A 306 -5.17 -29.84 12.83
N GLN A 307 -5.54 -30.99 12.27
CA GLN A 307 -6.35 -31.02 11.05
C GLN A 307 -7.78 -30.56 11.30
N PHE A 308 -8.18 -30.51 12.57
CA PHE A 308 -9.50 -30.00 12.94
C PHE A 308 -9.49 -28.47 13.00
N PHE A 309 -8.35 -27.87 12.69
CA PHE A 309 -8.24 -26.42 12.57
C PHE A 309 -8.23 -26.02 11.10
N LYS A 310 -8.84 -24.87 10.80
CA LYS A 310 -8.72 -24.29 9.47
C LYS A 310 -7.38 -23.59 9.35
N PRO A 311 -6.98 -23.22 8.13
CA PRO A 311 -5.70 -22.53 7.90
C PRO A 311 -5.64 -21.16 8.59
N ARG A 312 -6.81 -20.56 8.83
CA ARG A 312 -6.89 -19.27 9.48
C ARG A 312 -7.02 -19.39 11.00
N GLN A 313 -7.77 -20.39 11.45
CA GLN A 313 -8.01 -20.60 12.87
C GLN A 313 -6.68 -20.81 13.62
N PRO A 314 -6.47 -20.06 14.72
CA PRO A 314 -5.22 -20.12 15.47
C PRO A 314 -5.00 -21.47 16.14
N LYS A 315 -3.86 -22.11 15.86
CA LYS A 315 -3.61 -23.46 16.37
C LYS A 315 -3.26 -23.46 17.85
N LYS A 316 -3.91 -24.32 18.64
CA LYS A 316 -3.69 -24.33 20.08
C LYS A 316 -3.72 -25.74 20.67
N LEU A 317 -2.81 -25.99 21.60
CA LEU A 317 -2.84 -27.22 22.38
C LEU A 317 -2.65 -26.93 23.87
N TYR A 318 -3.16 -27.83 24.70
CA TYR A 318 -3.06 -27.71 26.15
C TYR A 318 -2.04 -28.67 26.71
N TYR A 319 -1.42 -28.28 27.81
CA TYR A 319 -0.45 -29.13 28.47
C TYR A 319 -0.61 -29.03 29.97
N GLN A 320 -0.07 -30.00 30.70
CA GLN A 320 0.13 -29.81 32.13
C GLN A 320 1.46 -30.43 32.54
N GLN A 321 2.11 -29.78 33.51
CA GLN A 321 3.35 -30.28 34.07
C GLN A 321 3.04 -31.38 35.07
N LEU A 322 3.83 -32.44 35.04
CA LEU A 322 3.59 -33.59 35.90
C LEU A 322 4.61 -33.66 37.05
N SER B 1 -12.79 -18.96 4.62
CA SER B 1 -12.89 -18.24 3.36
C SER B 1 -12.70 -16.74 3.60
N ALA B 2 -12.96 -15.92 2.58
CA ALA B 2 -12.40 -14.56 2.55
C ALA B 2 -13.03 -13.58 3.54
N HIS B 3 -14.28 -13.83 3.88
CA HIS B 3 -15.08 -12.89 4.68
C HIS B 3 -14.60 -12.75 6.14
N LEU B 4 -13.59 -13.53 6.52
CA LEU B 4 -13.08 -13.46 7.88
C LEU B 4 -11.83 -12.57 7.98
N TYR B 5 -11.39 -12.02 6.86
CA TYR B 5 -10.22 -11.15 6.82
C TYR B 5 -10.56 -9.74 6.38
N MET B 6 -9.76 -8.78 6.85
CA MET B 6 -9.92 -7.40 6.46
C MET B 6 -8.54 -6.86 6.07
N GLN B 7 -8.53 -5.79 5.30
CA GLN B 7 -7.29 -5.15 4.91
C GLN B 7 -7.04 -3.91 5.75
N VAL B 8 -5.88 -3.85 6.38
CA VAL B 8 -5.50 -2.70 7.18
C VAL B 8 -4.35 -1.93 6.51
N GLN B 9 -4.53 -0.64 6.32
CA GLN B 9 -3.57 0.11 5.55
C GLN B 9 -2.90 1.13 6.44
N ILE B 10 -1.58 1.04 6.49
CA ILE B 10 -0.80 1.91 7.33
C ILE B 10 -0.21 3.04 6.49
N VAL B 11 -0.47 4.28 6.89
CA VAL B 11 0.18 5.43 6.27
C VAL B 11 1.15 6.06 7.25
N ALA B 12 2.37 6.30 6.78
CA ALA B 12 3.40 6.98 7.58
C ALA B 12 3.46 8.47 7.24
N GLU B 13 4.13 9.22 8.10
CA GLU B 13 4.20 10.66 8.00
C GLU B 13 4.96 11.12 6.75
N ASP B 14 5.85 10.29 6.19
CA ASP B 14 6.54 10.64 4.95
C ASP B 14 5.53 10.94 3.82
N GLN B 15 4.34 10.33 3.87
CA GLN B 15 3.32 10.57 2.85
C GLN B 15 2.62 11.91 3.02
N PHE B 16 2.72 12.52 4.21
CA PHE B 16 2.12 13.83 4.44
C PHE B 16 3.03 14.92 3.84
N CYS B 17 4.33 14.62 3.78
CA CYS B 17 5.32 15.56 3.29
C CYS B 17 5.22 15.79 1.78
N GLY B 18 5.09 17.05 1.37
CA GLY B 18 4.94 17.40 -0.03
C GLY B 18 3.50 17.54 -0.49
N HIS B 19 2.54 17.02 0.29
CA HIS B 19 1.14 17.03 -0.10
C HIS B 19 0.64 18.47 -0.24
N GLN B 20 0.00 18.77 -1.37
CA GLN B 20 -0.42 20.12 -1.67
C GLN B 20 -1.93 20.30 -1.55
N GLY B 21 -2.62 19.23 -1.18
CA GLY B 21 -4.07 19.29 -1.08
C GLY B 21 -4.61 19.57 0.33
N ASN B 22 -5.92 19.41 0.45
CA ASN B 22 -6.60 19.36 1.72
C ASN B 22 -6.30 18.06 2.45
N ASP B 23 -6.44 18.09 3.78
CA ASP B 23 -6.10 16.96 4.68
C ASP B 23 -4.61 16.64 4.63
N MET B 24 -4.25 15.43 5.01
CA MET B 24 -2.85 15.06 5.18
C MET B 24 -2.20 14.44 3.95
N TYR B 25 -2.99 13.78 3.13
CA TYR B 25 -2.48 13.14 1.93
C TYR B 25 -3.62 12.99 0.98
N ASP B 26 -3.31 12.57 -0.23
CA ASP B 26 -4.28 12.35 -1.28
C ASP B 26 -4.86 10.94 -1.18
N GLU B 27 -6.13 10.83 -0.82
CA GLU B 27 -6.77 9.54 -0.60
C GLU B 27 -6.84 8.69 -1.87
N GLU B 28 -6.66 9.33 -3.02
CA GLU B 28 -6.71 8.70 -4.34
C GLU B 28 -5.33 8.32 -4.88
N LYS B 29 -4.27 8.80 -4.23
CA LYS B 29 -2.91 8.41 -4.60
C LYS B 29 -1.94 8.54 -3.42
N VAL B 30 -1.68 7.43 -2.74
CA VAL B 30 -0.86 7.43 -1.54
C VAL B 30 -0.17 6.07 -1.33
N LYS B 31 1.01 6.07 -0.74
CA LYS B 31 1.72 4.82 -0.48
C LYS B 31 1.38 4.30 0.93
N TYR B 32 0.89 3.06 0.99
CA TYR B 32 0.53 2.36 2.22
C TYR B 32 1.35 1.08 2.45
N THR B 33 1.60 0.76 3.72
CA THR B 33 1.97 -0.60 4.08
C THR B 33 0.68 -1.34 4.40
N VAL B 34 0.45 -2.43 3.70
CA VAL B 34 -0.85 -3.07 3.70
C VAL B 34 -0.84 -4.47 4.38
N PHE B 35 -1.75 -4.70 5.33
CA PHE B 35 -1.76 -5.95 6.10
C PHE B 35 -3.08 -6.68 5.92
N LYS B 36 -3.00 -8.01 5.79
CA LYS B 36 -4.18 -8.85 5.81
C LYS B 36 -4.36 -9.31 7.24
N VAL B 37 -5.52 -9.04 7.83
CA VAL B 37 -5.72 -9.26 9.26
C VAL B 37 -7.00 -10.05 9.48
N LEU B 38 -6.99 -10.99 10.40
CA LEU B 38 -8.22 -11.67 10.80
C LEU B 38 -9.13 -10.65 11.50
N LYS B 39 -10.38 -10.55 11.05
CA LYS B 39 -11.33 -9.59 11.63
C LYS B 39 -11.49 -9.78 13.13
N ASN B 40 -11.57 -11.04 13.56
CA ASN B 40 -11.77 -11.35 14.97
C ASN B 40 -10.50 -11.23 15.82
N SER B 41 -9.38 -10.90 15.18
CA SER B 41 -8.10 -10.83 15.91
C SER B 41 -7.99 -9.53 16.71
N SER B 42 -7.06 -9.48 17.65
CA SER B 42 -6.98 -8.37 18.59
C SER B 42 -6.04 -7.27 18.11
N LEU B 43 -6.25 -6.08 18.64
CA LEU B 43 -5.37 -4.96 18.38
C LEU B 43 -3.95 -5.31 18.83
N ALA B 44 -3.86 -5.82 20.05
CA ALA B 44 -2.59 -6.17 20.67
C ALA B 44 -1.79 -7.10 19.79
N GLU B 45 -2.47 -8.02 19.12
CA GLU B 45 -1.77 -8.89 18.21
C GLU B 45 -1.35 -8.10 16.95
N PHE B 46 -2.18 -7.17 16.49
CA PHE B 46 -1.80 -6.38 15.31
C PHE B 46 -0.58 -5.52 15.61
N VAL B 47 -0.56 -4.89 16.80
CA VAL B 47 0.52 -4.00 17.18
C VAL B 47 1.90 -4.70 17.19
N GLN B 48 1.97 -5.88 17.78
CA GLN B 48 3.21 -6.66 17.80
C GLN B 48 3.66 -6.98 16.39
N SER B 49 2.74 -7.47 15.56
CA SER B 49 3.02 -7.79 14.17
C SER B 49 3.51 -6.57 13.40
N LEU B 50 2.91 -5.44 13.71
CA LEU B 50 3.31 -4.17 13.12
C LEU B 50 4.68 -3.77 13.64
N SER B 51 4.89 -3.91 14.94
CA SER B 51 6.18 -3.63 15.55
C SER B 51 7.33 -4.38 14.83
N GLN B 52 7.17 -5.69 14.64
CA GLN B 52 8.19 -6.49 13.96
C GLN B 52 8.37 -6.07 12.51
N THR B 53 7.26 -5.83 11.82
CA THR B 53 7.30 -5.53 10.40
C THR B 53 7.92 -4.17 10.10
N MET B 54 7.53 -3.13 10.85
CA MET B 54 7.98 -1.76 10.56
C MET B 54 9.37 -1.48 11.12
N GLY B 55 9.83 -2.34 12.01
CA GLY B 55 11.15 -2.19 12.62
C GLY B 55 11.22 -1.31 13.86
N PHE B 56 10.11 -1.14 14.57
CA PHE B 56 10.10 -0.38 15.83
C PHE B 56 9.59 -1.19 17.04
N PRO B 57 10.21 -1.02 18.22
CA PRO B 57 9.56 -1.53 19.44
C PRO B 57 8.20 -0.84 19.67
N GLN B 58 7.28 -1.51 20.35
CA GLN B 58 5.91 -1.01 20.52
C GLN B 58 5.82 0.38 21.15
N ASP B 59 6.69 0.69 22.11
CA ASP B 59 6.57 1.95 22.81
C ASP B 59 7.10 3.13 21.98
N GLN B 60 7.55 2.83 20.77
CA GLN B 60 8.00 3.89 19.87
C GLN B 60 7.00 4.14 18.76
N ILE B 61 5.83 3.54 18.87
CA ILE B 61 4.79 3.71 17.86
C ILE B 61 3.41 3.99 18.47
N ARG B 62 2.59 4.70 17.71
CA ARG B 62 1.23 5.00 18.15
C ARG B 62 0.29 5.05 16.96
N LEU B 63 -0.84 4.37 17.10
CA LEU B 63 -1.79 4.20 16.01
C LEU B 63 -2.90 5.23 16.11
N TRP B 64 -3.08 5.99 15.04
CA TRP B 64 -4.15 6.97 14.92
C TRP B 64 -5.02 6.65 13.71
N PRO B 65 -6.08 5.87 13.92
CA PRO B 65 -6.99 5.46 12.84
C PRO B 65 -7.49 6.67 12.02
N MET B 66 -7.53 6.54 10.69
CA MET B 66 -8.04 7.62 9.84
C MET B 66 -9.55 7.60 9.84
N GLN B 67 -10.19 8.74 10.08
CA GLN B 67 -11.62 8.69 10.29
C GLN B 67 -12.26 9.69 9.33
N ALA B 68 -13.21 9.26 8.50
CA ALA B 68 -14.03 10.16 7.71
C ALA B 68 -14.89 11.04 8.63
N ARG B 69 -14.86 12.35 8.47
CA ARG B 69 -15.75 13.22 9.25
C ARG B 69 -17.00 13.52 8.44
N SER B 70 -18.00 14.10 9.09
CA SER B 70 -19.29 14.32 8.45
C SER B 70 -19.19 15.35 7.32
N ASN B 71 -18.25 16.29 7.46
CA ASN B 71 -18.07 17.34 6.46
C ASN B 71 -17.28 16.86 5.22
N GLY B 72 -16.97 15.57 5.17
CA GLY B 72 -16.28 15.00 4.03
C GLY B 72 -14.80 14.70 4.23
N THR B 73 -14.17 15.38 5.18
CA THR B 73 -12.74 15.24 5.38
C THR B 73 -12.37 13.92 6.03
N LYS B 74 -11.09 13.62 6.02
CA LYS B 74 -10.59 12.42 6.63
C LYS B 74 -9.36 12.80 7.43
N ARG B 75 -9.37 12.47 8.72
CA ARG B 75 -8.32 12.89 9.64
C ARG B 75 -7.95 11.81 10.63
N PRO B 76 -6.69 11.81 11.07
CA PRO B 76 -6.24 10.91 12.12
C PRO B 76 -7.02 11.14 13.44
N ALA B 77 -7.47 10.07 14.06
CA ALA B 77 -8.23 10.17 15.26
C ALA B 77 -7.68 9.29 16.36
N MET B 78 -8.17 9.52 17.55
CA MET B 78 -7.73 8.82 18.72
C MET B 78 -7.97 7.35 18.82
N LEU B 79 -6.95 6.76 19.38
CA LEU B 79 -6.80 5.38 19.69
C LEU B 79 -5.31 5.42 20.02
N ASP B 84 -9.81 0.68 25.58
CA ASP B 84 -9.97 -0.25 24.46
C ASP B 84 -8.63 -0.81 23.99
N GLY B 85 -8.69 -1.67 22.99
CA GLY B 85 -7.54 -2.45 22.57
C GLY B 85 -7.83 -3.91 22.83
N ASN B 86 -8.85 -4.15 23.65
CA ASN B 86 -9.31 -5.50 23.95
C ASN B 86 -10.28 -5.99 22.88
N LYS B 87 -10.87 -5.04 22.14
CA LYS B 87 -11.84 -5.37 21.11
C LYS B 87 -11.16 -5.97 19.89
N THR B 88 -11.97 -6.47 18.96
CA THR B 88 -11.46 -7.01 17.70
C THR B 88 -11.22 -5.90 16.68
N MET B 89 -10.39 -6.20 15.69
CA MET B 89 -10.03 -5.24 14.65
C MET B 89 -11.23 -4.78 13.83
N ILE B 90 -12.17 -5.68 13.56
CA ILE B 90 -13.38 -5.29 12.84
C ILE B 90 -14.25 -4.38 13.69
N GLU B 91 -14.22 -4.56 15.01
CA GLU B 91 -14.95 -3.67 15.91
C GLU B 91 -14.31 -2.29 15.91
N LEU B 92 -13.00 -2.26 16.15
CA LEU B 92 -12.26 -1.00 16.23
C LEU B 92 -12.36 -0.17 14.95
N SER B 93 -12.60 -0.82 13.82
CA SER B 93 -12.71 -0.14 12.54
C SER B 93 -14.15 0.29 12.23
N ASP B 94 -15.09 -0.14 13.07
CA ASP B 94 -16.52 0.10 12.86
C ASP B 94 -16.97 -0.51 11.52
N ASN B 95 -16.56 -1.76 11.29
CA ASN B 95 -16.83 -2.51 10.05
C ASN B 95 -16.33 -1.85 8.78
N GLU B 96 -15.32 -1.00 8.92
CA GLU B 96 -14.66 -0.43 7.76
C GLU B 96 -13.56 -1.38 7.25
N ASN B 97 -13.63 -1.64 5.95
CA ASN B 97 -12.69 -2.54 5.30
C ASN B 97 -12.56 -2.10 3.86
N PRO B 98 -11.38 -1.61 3.46
CA PRO B 98 -10.13 -1.48 4.22
C PRO B 98 -10.14 -0.39 5.30
N TRP B 99 -9.26 -0.55 6.28
CA TRP B 99 -9.18 0.36 7.39
C TRP B 99 -7.82 1.03 7.34
N THR B 100 -7.82 2.35 7.20
CA THR B 100 -6.57 3.07 7.15
C THR B 100 -6.26 3.70 8.50
N ILE B 101 -4.99 3.66 8.84
CA ILE B 101 -4.49 4.09 10.13
C ILE B 101 -3.21 4.87 9.92
N PHE B 102 -3.15 6.07 10.49
CA PHE B 102 -1.90 6.80 10.56
C PHE B 102 -1.03 6.21 11.69
N LEU B 103 0.17 5.77 11.32
CA LEU B 103 1.13 5.28 12.29
C LEU B 103 2.17 6.35 12.62
N GLU B 104 2.13 6.84 13.85
CA GLU B 104 3.15 7.75 14.37
C GLU B 104 4.31 6.97 14.98
N THR B 105 5.53 7.34 14.63
CA THR B 105 6.71 6.74 15.24
C THR B 105 7.69 7.82 15.64
N VAL B 106 8.66 7.47 16.47
CA VAL B 106 9.78 8.36 16.68
C VAL B 106 10.55 8.49 15.37
N ASP B 107 11.48 9.43 15.29
CA ASP B 107 12.37 9.54 14.14
C ASP B 107 12.98 8.16 13.85
N PRO B 108 12.82 7.65 12.61
CA PRO B 108 13.30 6.31 12.23
C PRO B 108 14.77 6.06 12.54
N GLU B 109 15.56 7.12 12.66
CA GLU B 109 16.96 6.99 13.04
C GLU B 109 17.09 6.74 14.55
N LEU B 110 15.97 6.85 15.27
CA LEU B 110 15.96 6.66 16.71
C LEU B 110 15.33 5.33 17.10
N ALA B 111 14.94 4.55 16.09
CA ALA B 111 14.35 3.22 16.29
C ALA B 111 15.23 2.32 17.15
N ALA B 112 14.63 1.75 18.20
CA ALA B 112 15.33 0.91 19.20
C ALA B 112 16.37 1.67 20.03
N SER B 113 16.30 2.99 20.02
CA SER B 113 17.08 3.79 20.96
C SER B 113 16.26 4.06 22.23
N GLY B 114 16.85 4.81 23.16
CA GLY B 114 16.13 5.25 24.34
C GLY B 114 14.94 6.17 24.05
N ALA B 115 14.94 6.81 22.88
CA ALA B 115 13.90 7.78 22.54
C ALA B 115 12.48 7.18 22.58
N THR B 116 11.53 7.93 23.13
CA THR B 116 10.15 7.48 23.22
C THR B 116 9.18 8.53 22.69
N LEU B 117 7.96 8.11 22.39
CA LEU B 117 6.90 9.07 22.13
C LEU B 117 6.49 9.71 23.45
N PRO B 118 6.25 11.02 23.43
CA PRO B 118 5.73 11.66 24.64
C PRO B 118 4.39 11.07 25.03
N LYS B 119 4.02 11.25 26.29
CA LYS B 119 2.74 10.80 26.79
C LYS B 119 1.62 11.68 26.20
N PHE B 120 0.46 11.09 26.06
CA PHE B 120 -0.66 11.77 25.49
C PHE B 120 -1.86 11.58 26.38
N ASP B 121 -2.32 12.67 27.00
CA ASP B 121 -3.53 12.65 27.80
C ASP B 121 -4.73 12.73 26.89
N LYS B 122 -5.52 11.65 26.83
CA LYS B 122 -6.60 11.56 25.87
C LYS B 122 -7.70 12.58 26.14
N ASP B 123 -7.80 13.05 27.39
CA ASP B 123 -8.81 14.04 27.77
C ASP B 123 -8.34 15.49 27.67
N HIS B 124 -7.05 15.72 27.88
CA HIS B 124 -6.52 17.08 28.02
C HIS B 124 -5.59 17.53 26.92
N ASP B 125 -5.14 16.59 26.12
CA ASP B 125 -4.23 16.88 25.03
C ASP B 125 -4.94 16.74 23.68
N VAL B 126 -4.39 17.43 22.69
CA VAL B 126 -4.89 17.36 21.35
C VAL B 126 -3.70 17.17 20.41
N MET B 127 -3.85 16.31 19.41
CA MET B 127 -2.84 16.20 18.37
C MET B 127 -3.21 17.10 17.17
N LEU B 128 -2.37 18.09 16.93
CA LEU B 128 -2.57 19.06 15.85
C LEU B 128 -1.53 18.91 14.75
N PHE B 129 -1.97 19.01 13.50
CA PHE B 129 -1.03 19.01 12.37
C PHE B 129 -0.77 20.46 11.94
N LEU B 130 0.44 20.70 11.45
CA LEU B 130 0.87 22.02 11.06
C LEU B 130 1.24 22.05 9.59
N LYS B 131 0.78 23.07 8.87
CA LYS B 131 1.23 23.27 7.48
C LYS B 131 1.64 24.72 7.32
N MET B 132 2.77 24.95 6.68
CA MET B 132 3.19 26.30 6.40
C MET B 132 2.85 26.64 4.95
N TYR B 133 2.15 27.76 4.73
CA TYR B 133 1.86 28.19 3.37
C TYR B 133 2.81 29.29 2.91
N ASP B 134 3.47 29.08 1.78
CA ASP B 134 4.32 30.11 1.19
C ASP B 134 3.67 30.74 -0.04
N PRO B 135 3.27 32.00 0.07
CA PRO B 135 2.60 32.75 -1.01
C PRO B 135 3.50 32.95 -2.24
N LYS B 136 4.81 33.09 -2.04
CA LYS B 136 5.74 33.27 -3.14
C LYS B 136 5.62 32.14 -4.14
N THR B 137 5.69 30.91 -3.64
CA THR B 137 5.67 29.75 -4.50
C THR B 137 4.26 29.17 -4.58
N ARG B 138 3.35 29.74 -3.79
CA ARG B 138 1.98 29.25 -3.70
C ARG B 138 1.94 27.76 -3.37
N SER B 139 2.65 27.36 -2.32
CA SER B 139 2.72 25.94 -1.97
C SER B 139 2.61 25.66 -0.47
N LEU B 140 2.18 24.45 -0.15
CA LEU B 140 2.07 24.00 1.23
C LEU B 140 3.26 23.17 1.62
N ASN B 141 3.85 23.53 2.76
CA ASN B 141 4.95 22.77 3.32
C ASN B 141 4.51 22.11 4.62
N TYR B 142 4.52 20.78 4.64
CA TYR B 142 4.16 20.04 5.84
C TYR B 142 5.17 20.33 6.95
N CYS B 143 4.68 20.69 8.13
CA CYS B 143 5.57 20.98 9.25
C CYS B 143 5.36 20.05 10.45
N GLY B 144 4.82 18.86 10.22
CA GLY B 144 4.71 17.89 11.30
C GLY B 144 3.49 18.06 12.19
N HIS B 145 3.45 17.27 13.24
CA HIS B 145 2.39 17.37 14.22
C HIS B 145 2.95 17.71 15.59
N ILE B 146 2.10 18.24 16.46
CA ILE B 146 2.47 18.52 17.84
C ILE B 146 1.45 17.92 18.76
N TYR B 147 1.88 17.62 19.99
CA TYR B 147 0.96 17.36 21.08
C TYR B 147 0.88 18.65 21.86
N THR B 148 -0.32 19.08 22.22
CA THR B 148 -0.43 20.24 23.08
C THR B 148 -1.66 20.15 23.97
N PRO B 149 -1.53 20.66 25.19
CA PRO B 149 -2.70 20.77 26.06
C PRO B 149 -3.78 21.62 25.38
N ILE B 150 -5.02 21.15 25.45
CA ILE B 150 -6.16 21.89 24.94
C ILE B 150 -6.28 23.28 25.61
N SER B 151 -5.82 23.36 26.86
CA SER B 151 -5.89 24.61 27.61
C SER B 151 -4.83 25.62 27.17
N CYS B 152 -3.90 25.17 26.34
CA CYS B 152 -2.81 26.04 25.88
C CYS B 152 -3.34 27.18 25.01
N LYS B 153 -2.70 28.34 25.12
CA LYS B 153 -3.08 29.50 24.30
C LYS B 153 -2.38 29.41 22.95
N ILE B 154 -3.06 29.87 21.90
CA ILE B 154 -2.53 29.85 20.53
C ILE B 154 -1.17 30.53 20.44
N ARG B 155 -0.99 31.57 21.24
CA ARG B 155 0.25 32.35 21.27
C ARG B 155 1.46 31.47 21.55
N ASP B 156 1.29 30.42 22.34
CA ASP B 156 2.43 29.63 22.77
C ASP B 156 2.77 28.56 21.75
N LEU B 157 1.96 28.47 20.71
CA LEU B 157 2.24 27.57 19.59
C LEU B 157 3.05 28.27 18.51
N LEU B 158 3.21 29.59 18.65
CA LEU B 158 3.93 30.37 17.64
C LEU B 158 5.42 30.04 17.51
N PRO B 159 6.15 29.88 18.64
CA PRO B 159 7.58 29.58 18.44
C PRO B 159 7.81 28.19 17.84
N VAL B 160 6.86 27.28 18.05
CA VAL B 160 6.95 25.96 17.43
C VAL B 160 6.75 26.07 15.92
N MET B 161 5.73 26.82 15.51
CA MET B 161 5.45 27.00 14.09
C MET B 161 6.64 27.65 13.40
N CYS B 162 7.28 28.60 14.08
CA CYS B 162 8.44 29.29 13.53
C CYS B 162 9.64 28.37 13.35
N ASP B 163 9.97 27.64 14.42
CA ASP B 163 11.11 26.73 14.44
C ASP B 163 11.02 25.68 13.33
N ARG B 164 9.84 25.08 13.18
CA ARG B 164 9.68 23.98 12.26
C ARG B 164 9.53 24.43 10.80
N ALA B 165 9.24 25.72 10.59
CA ALA B 165 9.18 26.26 9.22
C ALA B 165 10.47 26.97 8.86
N GLY B 166 11.44 26.96 9.76
CA GLY B 166 12.70 27.64 9.53
C GLY B 166 12.59 29.16 9.58
N PHE B 167 11.66 29.65 10.40
CA PHE B 167 11.51 31.10 10.60
C PHE B 167 12.28 31.58 11.83
N ILE B 168 12.63 32.86 11.83
CA ILE B 168 13.29 33.50 12.97
C ILE B 168 12.31 33.68 14.12
N GLN B 169 12.84 33.81 15.33
CA GLN B 169 12.01 33.86 16.53
C GLN B 169 11.09 35.07 16.53
N ASP B 170 9.85 34.85 16.95
CA ASP B 170 8.83 35.90 16.99
C ASP B 170 8.63 36.60 15.66
N THR B 171 8.66 35.82 14.58
CA THR B 171 8.27 36.31 13.27
C THR B 171 6.75 36.44 13.22
N SER B 172 6.25 37.55 12.70
CA SER B 172 4.80 37.76 12.61
C SER B 172 4.15 36.75 11.69
N LEU B 173 3.13 36.06 12.18
CA LEU B 173 2.46 35.00 11.41
C LEU B 173 0.95 35.18 11.30
N ILE B 174 0.38 34.64 10.23
CA ILE B 174 -1.07 34.57 10.11
C ILE B 174 -1.50 33.11 10.16
N LEU B 175 -2.47 32.80 11.00
CA LEU B 175 -2.87 31.43 11.29
C LEU B 175 -4.29 31.14 10.82
N TYR B 176 -4.47 30.00 10.17
CA TYR B 176 -5.80 29.55 9.74
C TYR B 176 -6.06 28.14 10.24
N GLU B 177 -7.33 27.78 10.39
CA GLU B 177 -7.66 26.38 10.52
C GLU B 177 -8.14 25.87 9.17
N GLU B 178 -7.45 24.87 8.63
CA GLU B 178 -7.95 24.17 7.47
C GLU B 178 -9.09 23.29 7.94
N VAL B 179 -10.30 23.84 7.85
CA VAL B 179 -11.47 23.13 8.33
C VAL B 179 -11.87 22.02 7.35
N LYS B 180 -11.87 22.35 6.06
CA LYS B 180 -12.34 21.44 5.02
C LYS B 180 -12.10 22.11 3.69
N PRO B 181 -12.32 21.36 2.58
CA PRO B 181 -12.15 22.03 1.29
C PRO B 181 -13.00 23.29 1.17
N ASN B 182 -12.37 24.38 0.75
CA ASN B 182 -13.05 25.67 0.54
C ASN B 182 -13.48 26.34 1.87
N LEU B 183 -12.99 25.85 3.00
CA LEU B 183 -13.22 26.57 4.24
C LEU B 183 -11.91 26.68 5.01
N THR B 184 -11.33 27.85 4.93
CA THR B 184 -10.09 28.16 5.62
C THR B 184 -10.35 29.38 6.50
N GLU B 185 -10.60 29.11 7.78
CA GLU B 185 -10.96 30.15 8.75
C GLU B 185 -9.75 30.70 9.49
N ARG B 186 -9.58 32.00 9.37
CA ARG B 186 -8.48 32.73 10.01
C ARG B 186 -8.68 32.78 11.53
N ILE B 187 -7.59 32.59 12.25
CA ILE B 187 -7.59 32.66 13.70
C ILE B 187 -7.25 34.10 14.10
N GLN B 188 -8.21 34.77 14.74
CA GLN B 188 -8.10 36.22 14.98
C GLN B 188 -7.64 36.58 16.38
N ASP B 189 -7.84 35.68 17.33
CA ASP B 189 -7.42 35.91 18.70
C ASP B 189 -6.38 34.89 19.15
N TYR B 190 -5.13 35.33 19.24
CA TYR B 190 -4.04 34.44 19.61
C TYR B 190 -3.95 34.20 21.12
N ASP B 191 -4.83 34.84 21.90
CA ASP B 191 -4.71 34.79 23.34
C ASP B 191 -5.78 33.94 24.02
N VAL B 192 -6.54 33.20 23.24
CA VAL B 192 -7.55 32.31 23.80
C VAL B 192 -7.01 30.89 23.82
N SER B 193 -7.70 30.02 24.52
CA SER B 193 -7.25 28.64 24.58
C SER B 193 -7.57 27.97 23.23
N LEU B 194 -7.03 26.78 23.03
CA LEU B 194 -7.16 26.13 21.73
C LEU B 194 -8.60 25.75 21.44
N ASP B 195 -9.33 25.34 22.46
CA ASP B 195 -10.71 24.90 22.24
C ASP B 195 -11.62 26.09 21.95
N LYS B 196 -11.19 27.29 22.37
CA LYS B 196 -11.96 28.50 22.08
C LYS B 196 -11.65 29.01 20.66
N ALA B 197 -10.36 29.02 20.31
CA ALA B 197 -9.90 29.46 18.99
C ALA B 197 -10.43 28.62 17.82
N LEU B 198 -10.51 27.31 18.02
CA LEU B 198 -11.04 26.40 17.02
C LEU B 198 -12.39 25.81 17.46
N ASP B 199 -13.42 26.01 16.64
CA ASP B 199 -14.73 25.42 16.94
C ASP B 199 -14.66 23.90 16.71
N GLU B 200 -15.26 23.12 17.61
CA GLU B 200 -15.24 21.66 17.51
C GLU B 200 -13.82 21.11 17.38
N LEU B 201 -12.93 21.58 18.24
CA LEU B 201 -11.52 21.15 18.30
C LEU B 201 -11.38 19.64 18.43
N MET B 202 -10.58 19.04 17.56
CA MET B 202 -10.36 17.60 17.60
C MET B 202 -8.92 17.27 17.26
N ASP B 203 -8.47 16.09 17.73
CA ASP B 203 -7.25 15.50 17.22
C ASP B 203 -7.30 15.43 15.70
N GLY B 204 -6.21 15.80 15.05
CA GLY B 204 -6.15 15.70 13.60
C GLY B 204 -6.65 16.98 12.95
N ASP B 205 -6.87 18.03 13.75
CA ASP B 205 -7.18 19.34 13.18
C ASP B 205 -5.90 19.94 12.61
N ILE B 206 -6.06 20.80 11.64
CA ILE B 206 -4.94 21.32 10.90
C ILE B 206 -4.89 22.82 11.07
N ILE B 207 -3.72 23.32 11.45
CA ILE B 207 -3.50 24.75 11.42
C ILE B 207 -2.54 25.04 10.29
N VAL B 208 -2.96 25.93 9.40
CA VAL B 208 -2.09 26.40 8.34
C VAL B 208 -1.63 27.83 8.68
N PHE B 209 -0.33 28.05 8.71
CA PHE B 209 0.20 29.38 8.99
C PHE B 209 1.11 29.90 7.88
N GLN B 210 1.35 31.20 7.92
CA GLN B 210 2.22 31.87 6.93
C GLN B 210 2.84 33.14 7.52
N LYS B 211 3.91 33.60 6.90
CA LYS B 211 4.52 34.86 7.29
C LYS B 211 3.57 36.00 6.99
N ASP B 212 3.61 37.03 7.83
CA ASP B 212 2.92 38.30 7.54
C ASP B 212 3.91 39.29 6.95
N ASP B 213 4.29 39.10 5.70
CA ASP B 213 5.17 40.04 5.01
C ASP B 213 4.51 40.55 3.74
N PRO B 214 4.32 41.88 3.63
CA PRO B 214 3.61 42.54 2.53
C PRO B 214 4.03 42.08 1.14
N GLU B 215 5.22 41.51 1.01
CA GLU B 215 5.69 40.99 -0.27
C GLU B 215 4.84 39.81 -0.72
N ASN B 216 4.05 39.27 0.20
CA ASN B 216 3.13 38.19 -0.11
C ASN B 216 2.00 38.69 -1.01
N ASP B 217 1.68 39.98 -0.88
CA ASP B 217 0.63 40.59 -1.70
C ASP B 217 1.04 40.61 -3.17
N ASN B 218 2.33 40.42 -3.44
CA ASN B 218 2.84 40.35 -4.80
C ASN B 218 2.66 38.95 -5.42
N SER B 219 1.66 38.21 -4.94
CA SER B 219 1.41 36.85 -5.41
C SER B 219 -0.02 36.68 -5.91
N GLU B 220 -0.19 35.79 -6.89
CA GLU B 220 -1.52 35.44 -7.40
C GLU B 220 -2.43 34.93 -6.29
N LEU B 221 -1.83 34.27 -5.31
CA LEU B 221 -2.54 33.71 -4.16
C LEU B 221 -1.89 34.13 -2.85
N PRO B 222 -2.17 35.38 -2.39
CA PRO B 222 -1.48 35.96 -1.23
C PRO B 222 -1.67 35.21 0.09
N THR B 223 -2.87 34.66 0.32
CA THR B 223 -3.11 33.96 1.57
C THR B 223 -3.46 32.50 1.36
N ALA B 224 -3.33 31.72 2.42
CA ALA B 224 -3.66 30.33 2.39
C ALA B 224 -5.15 30.13 2.13
N LYS B 225 -5.97 31.03 2.67
CA LYS B 225 -7.43 31.01 2.48
C LYS B 225 -7.83 30.95 1.00
N GLU B 226 -7.16 31.74 0.17
CA GLU B 226 -7.46 31.80 -1.26
C GLU B 226 -6.80 30.68 -2.04
N TYR B 227 -5.65 30.23 -1.56
CA TYR B 227 -5.00 29.07 -2.13
C TYR B 227 -5.96 27.88 -2.09
N PHE B 228 -6.56 27.62 -0.94
CA PHE B 228 -7.45 26.47 -0.83
C PHE B 228 -8.71 26.70 -1.65
N ARG B 229 -9.13 27.95 -1.74
CA ARG B 229 -10.30 28.32 -2.55
C ARG B 229 -10.03 28.02 -4.02
N ASP B 230 -8.87 28.46 -4.48
CA ASP B 230 -8.38 28.13 -5.81
C ASP B 230 -8.27 26.60 -6.03
N LEU B 231 -7.64 25.90 -5.08
CA LEU B 231 -7.51 24.44 -5.18
C LEU B 231 -8.87 23.76 -5.33
N TYR B 232 -9.82 24.19 -4.51
CA TYR B 232 -11.15 23.62 -4.48
C TYR B 232 -11.86 23.74 -5.82
N HIS B 233 -11.65 24.87 -6.50
CA HIS B 233 -12.37 25.17 -7.73
C HIS B 233 -11.61 24.79 -8.99
N ARG B 234 -10.38 24.31 -8.83
CA ARG B 234 -9.57 23.94 -9.97
C ARG B 234 -10.19 22.73 -10.66
N VAL B 235 -10.21 22.75 -11.99
CA VAL B 235 -10.79 21.67 -12.77
C VAL B 235 -10.07 21.54 -14.12
N ASP B 236 -9.86 20.30 -14.54
CA ASP B 236 -9.26 20.01 -15.85
C ASP B 236 -10.36 19.77 -16.85
N VAL B 237 -10.22 20.36 -18.04
CA VAL B 237 -11.23 20.22 -19.08
C VAL B 237 -10.60 19.80 -20.41
N ILE B 238 -11.20 18.81 -21.03
CA ILE B 238 -10.83 18.40 -22.38
C ILE B 238 -11.53 19.31 -23.38
N PHE B 239 -10.78 19.88 -24.31
CA PHE B 239 -11.36 20.69 -25.40
C PHE B 239 -11.09 20.04 -26.73
N CYS B 240 -12.17 19.62 -27.40
CA CYS B 240 -12.05 18.94 -28.68
C CYS B 240 -12.62 19.81 -29.78
N ASP B 241 -11.83 19.95 -30.85
CA ASP B 241 -12.28 20.63 -32.05
C ASP B 241 -13.35 19.78 -32.72
N LYS B 242 -14.58 20.29 -32.81
CA LYS B 242 -15.68 19.49 -33.33
C LYS B 242 -15.67 19.29 -34.85
N THR B 243 -14.82 20.04 -35.55
CA THR B 243 -14.68 19.87 -37.00
C THR B 243 -13.55 18.90 -37.35
N ILE B 244 -12.93 18.32 -36.34
CA ILE B 244 -11.86 17.35 -36.55
C ILE B 244 -12.27 15.94 -36.15
N PRO B 245 -12.34 15.04 -37.13
CA PRO B 245 -12.66 13.63 -36.86
C PRO B 245 -11.69 13.04 -35.84
N ASN B 246 -12.23 12.39 -34.81
CA ASN B 246 -11.42 11.63 -33.86
C ASN B 246 -10.40 12.49 -33.16
N ASP B 247 -10.73 13.76 -32.99
CA ASP B 247 -9.87 14.67 -32.24
C ASP B 247 -9.83 14.24 -30.77
N PRO B 248 -8.66 13.81 -30.30
CA PRO B 248 -8.50 13.36 -28.92
C PRO B 248 -8.59 14.55 -27.97
N GLY B 249 -8.40 15.74 -28.51
CA GLY B 249 -8.51 16.95 -27.74
C GLY B 249 -7.27 17.20 -26.91
N PHE B 250 -7.25 18.34 -26.23
CA PHE B 250 -6.19 18.66 -25.29
C PHE B 250 -6.82 19.04 -23.97
N VAL B 251 -6.04 18.97 -22.90
CA VAL B 251 -6.57 19.24 -21.59
C VAL B 251 -6.04 20.57 -21.09
N VAL B 252 -6.94 21.37 -20.53
CA VAL B 252 -6.60 22.68 -20.03
C VAL B 252 -7.02 22.78 -18.58
N THR B 253 -6.12 23.22 -17.72
CA THR B 253 -6.47 23.46 -16.32
C THR B 253 -7.19 24.81 -16.20
N LEU B 254 -8.41 24.77 -15.67
CA LEU B 254 -9.25 25.95 -15.50
C LEU B 254 -9.79 26.04 -14.09
N SER B 255 -10.53 27.11 -13.81
CA SER B 255 -11.20 27.25 -12.55
C SER B 255 -12.71 27.30 -12.76
N ASN B 256 -13.45 26.54 -11.95
CA ASN B 256 -14.91 26.54 -12.01
C ASN B 256 -15.51 27.93 -11.85
N ARG B 257 -14.77 28.84 -11.21
CA ARG B 257 -15.26 30.18 -10.97
C ARG B 257 -15.14 31.12 -12.18
N MET B 258 -14.38 30.68 -13.19
CA MET B 258 -14.10 31.51 -14.36
C MET B 258 -15.36 31.90 -15.12
N ASN B 259 -15.36 33.13 -15.64
CA ASN B 259 -16.40 33.58 -16.58
C ASN B 259 -16.05 33.19 -18.02
N TYR B 260 -16.83 33.66 -19.00
CA TYR B 260 -16.57 33.27 -20.39
C TYR B 260 -15.23 33.80 -20.86
N PHE B 261 -14.98 35.07 -20.56
CA PHE B 261 -13.79 35.78 -21.01
C PHE B 261 -12.54 35.00 -20.64
N GLN B 262 -12.45 34.61 -19.37
CA GLN B 262 -11.30 33.88 -18.85
C GLN B 262 -11.08 32.51 -19.51
N VAL B 263 -12.15 31.74 -19.69
CA VAL B 263 -12.04 30.44 -20.33
C VAL B 263 -11.52 30.58 -21.76
N ALA B 264 -12.14 31.49 -22.52
CA ALA B 264 -11.77 31.72 -23.91
C ALA B 264 -10.33 32.20 -24.02
N LYS B 265 -9.95 33.13 -23.15
CA LYS B 265 -8.56 33.63 -23.13
C LYS B 265 -7.55 32.50 -22.87
N THR B 266 -7.93 31.52 -22.07
CA THR B 266 -6.99 30.48 -21.68
C THR B 266 -6.87 29.47 -22.79
N VAL B 267 -8.00 29.01 -23.31
CA VAL B 267 -7.97 28.06 -24.42
C VAL B 267 -7.28 28.66 -25.65
N ALA B 268 -7.60 29.92 -25.96
CA ALA B 268 -7.01 30.58 -27.11
C ALA B 268 -5.49 30.67 -26.97
N GLN B 269 -5.03 30.88 -25.73
CA GLN B 269 -3.60 30.95 -25.45
C GLN B 269 -2.92 29.67 -25.89
N ARG B 270 -3.61 28.55 -25.67
CA ARG B 270 -3.07 27.24 -26.05
C ARG B 270 -3.09 27.03 -27.57
N LEU B 271 -4.14 27.51 -28.22
CA LEU B 271 -4.27 27.33 -29.65
C LEU B 271 -3.48 28.37 -30.45
N ASN B 272 -2.85 29.32 -29.74
CA ASN B 272 -2.16 30.44 -30.37
C ASN B 272 -3.05 31.16 -31.38
N THR B 273 -4.20 31.64 -30.90
CA THR B 273 -5.15 32.34 -31.76
C THR B 273 -5.84 33.45 -30.99
N ASP B 274 -6.69 34.19 -31.68
CA ASP B 274 -7.52 35.22 -31.07
C ASP B 274 -8.73 34.56 -30.43
N PRO B 275 -9.02 34.89 -29.15
CA PRO B 275 -10.20 34.30 -28.48
C PRO B 275 -11.52 34.65 -29.17
N MET B 276 -11.55 35.79 -29.87
CA MET B 276 -12.74 36.22 -30.59
C MET B 276 -13.05 35.26 -31.74
N LEU B 277 -12.05 34.49 -32.14
CA LEU B 277 -12.22 33.55 -33.25
C LEU B 277 -12.56 32.13 -32.76
N LEU B 278 -12.82 31.99 -31.48
CA LEU B 278 -13.23 30.69 -30.93
C LEU B 278 -14.74 30.61 -30.69
N GLN B 279 -15.37 29.56 -31.19
CA GLN B 279 -16.77 29.31 -30.91
C GLN B 279 -16.88 28.08 -30.01
N PHE B 280 -17.41 28.27 -28.79
CA PHE B 280 -17.60 27.16 -27.84
C PHE B 280 -19.01 26.60 -27.88
N PHE B 281 -19.19 25.40 -27.31
CA PHE B 281 -20.51 24.77 -27.31
C PHE B 281 -20.89 24.28 -25.91
N LYS B 282 -22.13 24.57 -25.51
CA LYS B 282 -22.64 24.07 -24.24
C LYS B 282 -22.82 22.57 -24.34
N SER B 283 -22.74 21.88 -23.20
CA SER B 283 -22.89 20.42 -23.18
C SER B 283 -24.33 20.00 -23.51
N GLN B 284 -24.47 18.82 -24.09
CA GLN B 284 -25.80 18.31 -24.46
C GLN B 284 -26.50 17.64 -23.27
N GLY B 289 -21.89 14.69 -27.48
CA GLY B 289 -21.90 15.61 -28.60
C GLY B 289 -22.12 17.06 -28.18
N PRO B 290 -21.63 18.00 -28.99
CA PRO B 290 -21.79 19.44 -28.73
C PRO B 290 -23.25 19.88 -28.81
N GLY B 291 -23.66 20.78 -27.92
CA GLY B 291 -25.00 21.31 -27.93
C GLY B 291 -25.07 22.69 -28.56
N ASN B 292 -25.90 23.57 -28.01
CA ASN B 292 -26.04 24.92 -28.53
C ASN B 292 -24.75 25.73 -28.45
N PRO B 293 -24.54 26.63 -29.42
CA PRO B 293 -23.40 27.57 -29.43
C PRO B 293 -23.40 28.47 -28.20
N LEU B 294 -22.25 28.56 -27.54
CA LEU B 294 -22.09 29.45 -26.40
C LEU B 294 -21.78 30.87 -26.89
N ARG B 295 -22.49 31.86 -26.33
CA ARG B 295 -22.35 33.26 -26.72
C ARG B 295 -21.36 33.96 -25.80
N HIS B 296 -20.63 34.93 -26.33
CA HIS B 296 -19.54 35.51 -25.57
C HIS B 296 -20.03 36.46 -24.47
N ASN B 297 -21.33 36.78 -24.46
CA ASN B 297 -21.91 37.53 -23.34
C ASN B 297 -22.54 36.62 -22.27
N TYR B 298 -22.28 35.32 -22.38
CA TYR B 298 -22.67 34.34 -21.35
C TYR B 298 -22.40 34.89 -19.95
N GLU B 299 -23.35 34.74 -19.05
CA GLU B 299 -23.24 35.41 -17.77
C GLU B 299 -22.86 34.43 -16.66
N GLY B 300 -22.85 33.14 -16.98
CA GLY B 300 -22.58 32.10 -16.01
C GLY B 300 -21.11 31.87 -15.78
N THR B 301 -20.77 30.81 -15.04
CA THR B 301 -19.38 30.44 -14.80
C THR B 301 -19.07 29.10 -15.46
N LEU B 302 -17.79 28.74 -15.51
CA LEU B 302 -17.41 27.44 -16.03
C LEU B 302 -18.18 26.30 -15.32
N ARG B 303 -18.39 26.44 -14.02
CA ARG B 303 -19.14 25.43 -13.26
C ARG B 303 -20.55 25.25 -13.83
N ASP B 304 -21.21 26.35 -14.22
CA ASP B 304 -22.54 26.27 -14.80
C ASP B 304 -22.52 25.55 -16.16
N LEU B 305 -21.43 25.72 -16.92
CA LEU B 305 -21.20 25.01 -18.19
C LEU B 305 -21.04 23.51 -18.00
N LEU B 306 -20.44 23.13 -16.89
CA LEU B 306 -20.14 21.73 -16.60
C LEU B 306 -21.19 21.12 -15.67
N GLN B 307 -22.33 21.80 -15.53
CA GLN B 307 -23.33 21.40 -14.55
C GLN B 307 -23.99 20.06 -14.92
N PHE B 308 -24.03 19.76 -16.22
CA PHE B 308 -24.60 18.50 -16.68
C PHE B 308 -23.58 17.35 -16.65
N PHE B 309 -22.46 17.56 -15.98
CA PHE B 309 -21.47 16.47 -15.80
C PHE B 309 -21.53 15.89 -14.40
N LYS B 310 -21.39 14.58 -14.29
CA LYS B 310 -21.22 13.97 -12.97
C LYS B 310 -19.85 14.38 -12.45
N PRO B 311 -19.78 14.72 -11.15
CA PRO B 311 -18.53 15.12 -10.51
C PRO B 311 -17.50 13.99 -10.47
N GLN B 313 -16.01 11.67 -13.51
CA GLN B 313 -16.19 11.81 -14.96
C GLN B 313 -15.47 13.03 -15.50
N PRO B 314 -14.59 12.81 -16.50
CA PRO B 314 -13.81 13.87 -17.14
C PRO B 314 -14.70 14.92 -17.81
N LYS B 315 -14.38 16.19 -17.57
CA LYS B 315 -15.17 17.27 -18.12
C LYS B 315 -14.72 17.57 -19.54
N LYS B 316 -15.69 17.69 -20.45
CA LYS B 316 -15.38 17.85 -21.86
C LYS B 316 -16.14 19.02 -22.48
N LEU B 317 -15.47 19.84 -23.27
CA LEU B 317 -16.13 20.93 -23.99
C LEU B 317 -15.69 21.00 -25.44
N TYR B 318 -16.66 21.17 -26.34
CA TYR B 318 -16.36 21.25 -27.77
C TYR B 318 -16.17 22.69 -28.23
N TYR B 319 -15.40 22.86 -29.30
CA TYR B 319 -15.18 24.19 -29.87
C TYR B 319 -14.86 24.02 -31.34
N GLN B 320 -14.85 25.14 -32.06
CA GLN B 320 -14.25 25.18 -33.38
C GLN B 320 -13.68 26.57 -33.61
N GLN B 321 -12.73 26.68 -34.53
CA GLN B 321 -12.14 27.99 -34.81
C GLN B 321 -12.89 28.65 -35.95
N LEU B 322 -13.25 29.92 -35.76
CA LEU B 322 -13.99 30.65 -36.77
C LEU B 322 -13.02 31.28 -37.78
N SER C 7 -1.02 -41.02 -19.09
CA SER C 7 -0.66 -40.47 -20.40
C SER C 7 -1.03 -38.98 -20.56
N PRO C 8 -2.31 -38.59 -20.34
CA PRO C 8 -2.58 -37.15 -20.51
C PRO C 8 -2.09 -36.30 -19.34
N ARG C 9 -1.92 -35.00 -19.59
CA ARG C 9 -1.35 -34.07 -18.59
C ARG C 9 -2.37 -33.59 -17.56
N THR C 10 -2.00 -33.67 -16.29
CA THR C 10 -2.86 -33.21 -15.21
C THR C 10 -2.59 -31.73 -14.86
N GLY C 11 -1.42 -31.25 -15.25
CA GLY C 11 -1.10 -29.85 -15.09
C GLY C 11 -0.70 -29.46 -13.69
N LYS C 12 -0.06 -28.30 -13.58
CA LYS C 12 0.49 -27.83 -12.32
C LYS C 12 -0.28 -26.62 -11.79
N GLY C 13 -1.40 -26.33 -12.43
CA GLY C 13 -2.27 -25.27 -11.95
C GLY C 13 -1.70 -23.87 -12.18
N LYS C 14 -0.85 -23.72 -13.18
CA LYS C 14 -0.23 -22.43 -13.38
C LYS C 14 -1.11 -21.51 -14.23
N TRP C 15 -2.21 -22.03 -14.76
CA TRP C 15 -3.15 -21.18 -15.49
C TRP C 15 -3.90 -20.29 -14.51
N LYS C 16 -4.56 -19.28 -15.07
CA LYS C 16 -5.31 -18.29 -14.29
C LYS C 16 -6.49 -18.88 -13.52
N ARG C 17 -6.54 -18.52 -12.24
CA ARG C 17 -7.61 -18.94 -11.33
C ARG C 17 -8.96 -18.38 -11.78
N LYS C 18 -10.01 -19.19 -11.70
CA LYS C 18 -11.36 -18.72 -11.99
C LYS C 18 -11.81 -17.71 -10.94
N SER C 19 -12.64 -16.75 -11.31
CA SER C 19 -13.11 -15.72 -10.37
C SER C 19 -13.90 -16.30 -9.18
N GLY D 11 -22.76 21.99 13.24
CA GLY D 11 -22.37 23.25 12.66
C GLY D 11 -21.27 23.10 11.61
N LYS D 12 -20.10 22.64 12.05
CA LYS D 12 -18.95 22.49 11.16
C LYS D 12 -18.87 21.09 10.56
N GLY D 13 -19.56 20.14 11.20
CA GLY D 13 -19.57 18.77 10.73
C GLY D 13 -18.22 18.08 10.92
N LYS D 14 -17.48 18.50 11.93
CA LYS D 14 -16.16 17.91 12.16
C LYS D 14 -16.25 16.59 12.90
N TRP D 15 -17.44 16.01 12.92
CA TRP D 15 -17.66 14.76 13.62
C TRP D 15 -17.69 13.51 12.75
N LYS D 16 -17.34 12.36 13.35
CA LYS D 16 -17.29 11.09 12.63
C LYS D 16 -18.60 10.83 11.89
N ARG D 17 -18.48 10.17 10.74
CA ARG D 17 -19.63 9.90 9.88
C ARG D 17 -20.13 8.47 10.05
#